data_8VTM
#
_entry.id   8VTM
#
_cell.length_a   141.790
_cell.length_b   141.790
_cell.length_c   187.710
_cell.angle_alpha   90.00
_cell.angle_beta   90.00
_cell.angle_gamma   120.00
#
_symmetry.space_group_name_H-M   'P 31 2 1'
#
loop_
_entity.id
_entity.type
_entity.pdbx_description
1 polymer 'Reaction center protein H chain'
2 polymer 'Reaction center protein L chain'
3 polymer 'Reaction center protein M chain'
4 non-polymer 'LAURYL DIMETHYLAMINE-N-OXIDE'
5 non-polymer 'BACTERIOCHLOROPHYLL A'
6 non-polymer 'CHLORIDE ION'
7 non-polymer 'FE (III) ION'
8 non-polymer 'BACTERIOPHEOPHYTIN A'
9 non-polymer SPHEROIDENE
10 non-polymer CARDIOLIPIN
11 water water
#
loop_
_entity_poly.entity_id
_entity_poly.type
_entity_poly.pdbx_seq_one_letter_code
_entity_poly.pdbx_strand_id
1 'polypeptide(L)'
;DLASLAIYSFWIFLAGLIYYLQTENMREGYPLENEDGTPAANQGPFPLPKPKTFILPHGRGTLTVPGPESEDRPIALART
AVSEGFPHAPTGDPMKDGVGPASWVARRDLPELDGHGHNKIKPMKAAAGFHVSAGKNPIGLPVRGCDLEIAGKVVDIWVD
IPEQMARFLEVELKDGSTRLLPMQMVKVQSNRVHVNALSSDLFAGIPTIKSPTEVTLLEEDKICGYVAGGLMYAAPKRKS
;
H
2 'polypeptide(L)'
;ALLSFERKYRVPGGTLVGGNLFDFWVGPFYVGFFGVATFFFAALGIILIAWSAVLQGTWNPQLISVYPPALEYGLGGAPL
AKGGLWQIITICATGAFVSWALREVEICRKLGIGYHIPFAFAFAILAYLTLVLFRPVMMGAWGYAFPYGIWTHLDWVSNT
GYTYGNFHYNPAHMIAISFFFTNALALALHGALVLSAANPEKGKEMRTPDHEDTFFRDLVGYSIGTLGIHRLGLLLSLSA
VFFSALCMIITGTIWFDQWVDWWQWWVKLPWWANIPGGING
;
L
3 'polypeptide(L)'
;EYQNIFSQVQVRGPADLGMTEDVNLANRSGVGPFSTLLGWFGNAQLGPIYLGSLGVLSLFSGLMWFFTIGIWFWYQAGWN
PAVFLRDLFFFSLEPPAPEYGLSFAAPLKEGGLWLIASFFMFVAVWSWWGRTYLRAQALGMGKHTAWAFLSAIWLWMVLG
FIRPILMGSWSEAVPYGIFSHLDWTNNFSLVHGNLFYNPFHGLSIAFL(6DU)GSALLFAMHGATILAVSRFGGERELEQ
IADRGTAAERAALFVRWTMGFNATMEGIHRWAIWMAVLVTLTGGIGILLSGTVVDNWYVWGQNHG
;
M
#
loop_
_chem_comp.id
_chem_comp.type
_chem_comp.name
_chem_comp.formula
BCL non-polymer 'BACTERIOCHLOROPHYLL A' 'C55 H74 Mg N4 O6'
BPH non-polymer 'BACTERIOPHEOPHYTIN A' 'C55 H76 N4 O6'
CDL non-polymer CARDIOLIPIN 'C81 H156 O17 P2 -2'
CL non-polymer 'CHLORIDE ION' 'Cl -1'
FE non-polymer 'FE (III) ION' 'Fe 3'
LDA non-polymer 'LAURYL DIMETHYLAMINE-N-OXIDE' 'C14 H31 N O'
SPO non-polymer SPHEROIDENE 'C41 H60 O'
#
# COMPACT_ATOMS: atom_id res chain seq x y z
N ASP A 1 -15.66 23.68 24.06
CA ASP A 1 -15.77 24.60 22.93
C ASP A 1 -15.90 23.85 21.59
N LEU A 2 -15.94 24.62 20.50
CA LEU A 2 -16.29 24.05 19.20
C LEU A 2 -15.26 23.01 18.75
N ALA A 3 -13.96 23.32 18.91
CA ALA A 3 -12.94 22.37 18.49
C ALA A 3 -12.97 21.11 19.34
N SER A 4 -13.28 21.25 20.64
CA SER A 4 -13.39 20.07 21.51
C SER A 4 -14.58 19.21 21.10
N LEU A 5 -15.63 19.82 20.56
CA LEU A 5 -16.76 19.07 20.05
C LEU A 5 -16.38 18.31 18.77
N ALA A 6 -15.66 18.97 17.86
CA ALA A 6 -15.25 18.33 16.63
C ALA A 6 -14.29 17.18 16.90
N ILE A 7 -13.39 17.34 17.87
CA ILE A 7 -12.43 16.28 18.18
C ILE A 7 -13.07 15.16 18.99
N TYR A 8 -14.17 15.43 19.69
CA TYR A 8 -14.88 14.38 20.42
C TYR A 8 -15.86 13.65 19.53
N SER A 9 -16.69 14.39 18.79
CA SER A 9 -17.64 13.77 17.87
C SER A 9 -16.94 12.99 16.77
N PHE A 10 -15.67 13.31 16.48
CA PHE A 10 -14.93 12.50 15.52
C PHE A 10 -14.36 11.25 16.17
N TRP A 11 -13.89 11.37 17.42
CA TRP A 11 -13.41 10.19 18.12
C TRP A 11 -14.52 9.16 18.34
N ILE A 12 -15.77 9.58 18.19
CA ILE A 12 -16.91 8.67 18.20
C ILE A 12 -17.17 8.08 16.83
N PHE A 13 -17.13 8.92 15.79
CA PHE A 13 -17.30 8.42 14.42
C PHE A 13 -16.28 7.34 14.11
N LEU A 14 -15.02 7.54 14.50
CA LEU A 14 -14.00 6.52 14.31
C LEU A 14 -14.37 5.23 15.02
N ALA A 15 -14.88 5.33 16.24
CA ALA A 15 -15.24 4.13 17.01
C ALA A 15 -16.31 3.31 16.31
N GLY A 16 -17.29 3.99 15.70
CA GLY A 16 -18.27 3.28 14.90
C GLY A 16 -17.72 2.79 13.58
N LEU A 17 -16.72 3.51 13.03
CA LEU A 17 -16.09 3.07 11.79
C LEU A 17 -15.31 1.77 12.01
N ILE A 18 -14.49 1.72 13.06
CA ILE A 18 -13.73 0.52 13.37
C ILE A 18 -14.68 -0.67 13.57
N TYR A 19 -15.80 -0.43 14.25
CA TYR A 19 -16.85 -1.43 14.37
C TYR A 19 -17.29 -1.93 13.00
N TYR A 20 -17.79 -1.01 12.18
CA TYR A 20 -18.28 -1.36 10.84
C TYR A 20 -17.24 -2.13 10.05
N LEU A 21 -15.98 -1.66 10.06
CA LEU A 21 -14.94 -2.35 9.31
C LEU A 21 -14.69 -3.74 9.85
N GLN A 22 -14.55 -3.87 11.16
CA GLN A 22 -14.15 -5.15 11.74
C GLN A 22 -15.25 -6.20 11.60
N THR A 23 -16.51 -5.79 11.43
CA THR A 23 -17.56 -6.76 11.15
C THR A 23 -17.58 -7.19 9.69
N GLU A 24 -17.16 -6.30 8.77
CA GLU A 24 -17.14 -6.65 7.35
C GLU A 24 -16.02 -7.64 7.02
N ASN A 25 -14.99 -7.75 7.86
CA ASN A 25 -13.96 -8.76 7.70
C ASN A 25 -14.35 -10.09 8.35
N MET A 26 -15.63 -10.28 8.64
CA MET A 26 -16.15 -11.52 9.20
C MET A 26 -17.00 -12.31 8.21
N ARG A 27 -17.11 -11.85 6.96
CA ARG A 27 -17.97 -12.52 5.99
C ARG A 27 -17.51 -13.95 5.73
N GLU A 28 -16.23 -14.13 5.42
CA GLU A 28 -15.68 -15.45 5.14
C GLU A 28 -14.80 -15.90 6.29
N GLY A 29 -14.83 -17.20 6.59
CA GLY A 29 -14.07 -17.76 7.67
C GLY A 29 -14.85 -17.91 8.96
N TYR A 30 -15.79 -17.03 9.23
CA TYR A 30 -16.65 -17.23 10.39
C TYR A 30 -17.88 -18.04 9.99
N PRO A 31 -18.50 -18.78 10.92
CA PRO A 31 -18.24 -18.86 12.36
C PRO A 31 -17.01 -19.69 12.73
N LEU A 32 -16.29 -19.22 13.76
CA LEU A 32 -15.16 -19.97 14.29
C LEU A 32 -15.59 -21.35 14.77
N GLU A 33 -14.69 -22.32 14.69
CA GLU A 33 -14.94 -23.67 15.17
C GLU A 33 -13.75 -24.16 15.97
N ASN A 34 -13.97 -25.20 16.76
CA ASN A 34 -12.88 -25.87 17.44
C ASN A 34 -12.11 -26.74 16.45
N GLU A 35 -11.02 -27.34 16.92
CA GLU A 35 -10.23 -28.21 16.05
C GLU A 35 -11.05 -29.39 15.54
N ASP A 36 -12.05 -29.82 16.31
CA ASP A 36 -12.88 -30.95 15.93
C ASP A 36 -13.97 -30.59 14.91
N GLY A 37 -14.11 -29.31 14.57
CA GLY A 37 -15.05 -28.90 13.54
C GLY A 37 -16.38 -28.39 14.05
N THR A 38 -16.66 -28.54 15.35
CA THR A 38 -17.91 -28.02 15.87
C THR A 38 -17.78 -26.54 16.20
N PRO A 39 -18.85 -25.77 16.05
CA PRO A 39 -18.80 -24.33 16.34
C PRO A 39 -18.24 -24.04 17.74
N ALA A 40 -17.38 -23.03 17.80
CA ALA A 40 -16.68 -22.72 19.05
C ALA A 40 -17.61 -22.02 20.03
N ALA A 41 -17.17 -21.98 21.28
CA ALA A 41 -17.93 -21.32 22.34
C ALA A 41 -17.98 -19.81 22.11
N ASN A 42 -16.91 -19.11 22.47
CA ASN A 42 -16.80 -17.70 22.16
C ASN A 42 -16.34 -17.51 20.72
N GLN A 43 -16.97 -16.57 20.03
CA GLN A 43 -16.77 -16.40 18.59
C GLN A 43 -16.30 -14.99 18.28
N GLY A 44 -15.46 -14.43 19.15
CA GLY A 44 -15.08 -13.05 19.05
C GLY A 44 -16.12 -12.16 19.71
N PRO A 45 -15.74 -10.92 20.02
CA PRO A 45 -16.68 -9.96 20.63
C PRO A 45 -17.53 -9.19 19.64
N PHE A 46 -17.52 -9.54 18.36
CA PHE A 46 -18.22 -8.80 17.33
C PHE A 46 -19.29 -9.69 16.71
N PRO A 47 -20.51 -9.21 16.55
CA PRO A 47 -21.54 -10.03 15.89
C PRO A 47 -21.27 -10.18 14.41
N LEU A 48 -21.93 -11.17 13.81
CA LEU A 48 -21.80 -11.40 12.38
C LEU A 48 -22.57 -10.33 11.61
N PRO A 49 -22.20 -10.06 10.37
CA PRO A 49 -22.83 -8.98 9.62
C PRO A 49 -24.10 -9.44 8.91
N LYS A 50 -24.92 -8.45 8.56
CA LYS A 50 -26.13 -8.71 7.81
C LYS A 50 -25.77 -9.27 6.44
N PRO A 51 -26.28 -10.44 6.06
CA PRO A 51 -25.81 -11.10 4.84
C PRO A 51 -25.97 -10.24 3.60
N LYS A 52 -24.88 -10.09 2.86
CA LYS A 52 -24.86 -9.40 1.57
C LYS A 52 -24.86 -10.44 0.45
N THR A 53 -25.43 -10.05 -0.70
CA THR A 53 -25.57 -10.96 -1.83
C THR A 53 -24.92 -10.33 -3.07
N PHE A 54 -24.00 -11.07 -3.68
CA PHE A 54 -23.34 -10.65 -4.91
C PHE A 54 -24.13 -11.17 -6.10
N ILE A 55 -24.27 -10.32 -7.12
CA ILE A 55 -24.89 -10.72 -8.38
C ILE A 55 -23.73 -11.09 -9.30
N LEU A 56 -23.40 -12.38 -9.32
CA LEU A 56 -22.30 -12.85 -10.16
C LEU A 56 -22.62 -12.55 -11.62
N PRO A 57 -21.67 -12.02 -12.39
CA PRO A 57 -21.96 -11.69 -13.79
C PRO A 57 -22.06 -12.96 -14.62
N HIS A 58 -22.53 -12.79 -15.85
CA HIS A 58 -22.69 -13.88 -16.82
C HIS A 58 -23.72 -14.91 -16.36
N GLY A 59 -24.51 -14.62 -15.33
CA GLY A 59 -25.53 -15.55 -14.89
C GLY A 59 -24.99 -16.81 -14.24
N ARG A 60 -23.92 -16.70 -13.45
CA ARG A 60 -23.40 -17.82 -12.69
C ARG A 60 -24.02 -17.92 -11.30
N GLY A 61 -25.29 -17.58 -11.17
CA GLY A 61 -25.92 -17.59 -9.86
C GLY A 61 -25.52 -16.36 -9.05
N THR A 62 -25.68 -16.50 -7.73
CA THR A 62 -25.40 -15.43 -6.78
C THR A 62 -24.72 -16.01 -5.56
N LEU A 63 -23.54 -15.51 -5.22
CA LEU A 63 -22.92 -15.81 -3.94
C LEU A 63 -23.40 -14.81 -2.90
N THR A 64 -23.95 -15.33 -1.81
CA THR A 64 -24.32 -14.51 -0.67
C THR A 64 -23.43 -14.89 0.52
N VAL A 65 -22.77 -13.89 1.09
CA VAL A 65 -21.89 -14.10 2.24
C VAL A 65 -22.30 -13.14 3.34
N PRO A 66 -22.14 -13.50 4.63
CA PRO A 66 -21.60 -14.78 5.11
C PRO A 66 -22.55 -15.96 4.87
N GLY A 67 -22.04 -16.98 4.21
CA GLY A 67 -22.84 -18.15 3.90
C GLY A 67 -22.33 -19.40 4.59
N PRO A 68 -23.14 -20.48 4.56
CA PRO A 68 -22.69 -21.75 5.12
C PRO A 68 -21.34 -22.21 4.60
N GLU A 69 -20.35 -22.27 5.49
CA GLU A 69 -18.99 -22.64 5.12
C GLU A 69 -18.79 -24.14 5.33
N SER A 70 -18.37 -24.83 4.28
CA SER A 70 -17.98 -26.23 4.37
C SER A 70 -16.78 -26.45 3.46
N GLU A 71 -15.89 -27.34 3.88
CA GLU A 71 -14.65 -27.55 3.13
C GLU A 71 -14.91 -28.21 1.79
N ASP A 72 -15.90 -29.10 1.72
CA ASP A 72 -16.33 -29.80 0.51
C ASP A 72 -15.26 -30.72 -0.04
N ARG A 73 -14.18 -30.95 0.71
CA ARG A 73 -13.10 -31.85 0.34
C ARG A 73 -12.60 -32.50 1.63
N PRO A 74 -12.24 -33.78 1.59
CA PRO A 74 -11.73 -34.43 2.81
C PRO A 74 -10.31 -33.98 3.12
N ILE A 75 -10.12 -33.52 4.35
CA ILE A 75 -8.81 -33.13 4.86
C ILE A 75 -8.22 -34.29 5.64
N ALA A 76 -6.98 -34.66 5.32
CA ALA A 76 -6.34 -35.84 5.87
C ALA A 76 -5.25 -35.41 6.86
N LEU A 77 -5.69 -35.05 8.07
CA LEU A 77 -4.77 -34.73 9.16
C LEU A 77 -5.17 -35.50 10.41
N ALA A 78 -4.38 -35.34 11.46
CA ALA A 78 -4.65 -35.98 12.74
C ALA A 78 -4.01 -35.16 13.85
N ARG A 79 -4.64 -35.18 15.02
CA ARG A 79 -4.10 -34.46 16.18
C ARG A 79 -2.70 -34.93 16.50
N THR A 80 -1.88 -34.00 17.00
CA THR A 80 -0.55 -34.31 17.50
C THR A 80 -0.43 -34.15 19.01
N ALA A 81 -1.47 -33.63 19.67
CA ALA A 81 -1.50 -33.49 21.11
C ALA A 81 -2.96 -33.63 21.56
N VAL A 82 -3.19 -33.40 22.86
CA VAL A 82 -4.55 -33.44 23.41
C VAL A 82 -5.12 -32.04 23.64
N SER A 83 -4.32 -31.00 23.50
CA SER A 83 -4.75 -29.62 23.72
C SER A 83 -4.91 -28.90 22.39
N GLU A 84 -5.66 -27.81 22.42
CA GLU A 84 -5.89 -27.02 21.22
C GLU A 84 -4.60 -26.33 20.79
N GLY A 85 -4.65 -25.69 19.62
CA GLY A 85 -3.56 -24.85 19.19
C GLY A 85 -2.27 -25.56 18.88
N PHE A 86 -2.30 -26.86 18.66
CA PHE A 86 -1.13 -27.61 18.28
C PHE A 86 -1.21 -28.01 16.81
N PRO A 87 -0.07 -28.27 16.17
CA PRO A 87 -0.12 -28.64 14.75
C PRO A 87 -0.75 -30.01 14.55
N HIS A 88 -1.19 -30.25 13.32
CA HIS A 88 -1.83 -31.50 12.95
C HIS A 88 -0.99 -32.14 11.85
N ALA A 89 -0.40 -33.29 12.16
CA ALA A 89 0.42 -33.97 11.17
C ALA A 89 -0.47 -34.66 10.13
N PRO A 90 -0.05 -34.71 8.87
CA PRO A 90 -0.85 -35.41 7.87
C PRO A 90 -0.66 -36.91 7.96
N THR A 91 -1.69 -37.65 7.51
CA THR A 91 -1.69 -39.10 7.58
C THR A 91 -1.41 -39.75 6.23
N GLY A 92 -0.89 -38.99 5.27
CA GLY A 92 -0.56 -39.53 3.96
C GLY A 92 0.53 -38.72 3.27
N ASP A 93 0.34 -38.41 2.00
CA ASP A 93 1.29 -37.57 1.29
C ASP A 93 0.70 -36.18 1.16
N PRO A 94 1.22 -35.18 1.88
CA PRO A 94 0.55 -33.87 1.94
C PRO A 94 0.36 -33.22 0.59
N MET A 95 1.22 -33.51 -0.39
CA MET A 95 1.08 -32.89 -1.71
C MET A 95 -0.01 -33.55 -2.54
N LYS A 96 -0.22 -34.86 -2.37
CA LYS A 96 -1.32 -35.51 -3.05
C LYS A 96 -2.64 -35.30 -2.32
N ASP A 97 -2.61 -35.35 -0.98
CA ASP A 97 -3.81 -35.07 -0.21
C ASP A 97 -4.14 -33.60 -0.10
N GLY A 98 -3.16 -32.72 -0.38
CA GLY A 98 -3.42 -31.30 -0.43
C GLY A 98 -3.63 -30.63 0.91
N VAL A 99 -2.63 -30.71 1.80
CA VAL A 99 -2.69 -30.06 3.10
C VAL A 99 -1.44 -29.20 3.26
N GLY A 100 -1.47 -28.34 4.27
CA GLY A 100 -0.36 -27.45 4.56
C GLY A 100 -0.13 -26.44 3.47
N PRO A 101 1.14 -26.22 3.11
CA PRO A 101 1.44 -25.31 2.00
C PRO A 101 0.94 -25.82 0.66
N ALA A 102 0.57 -27.09 0.55
CA ALA A 102 0.04 -27.66 -0.68
C ALA A 102 -1.48 -27.74 -0.67
N SER A 103 -2.14 -26.90 0.12
CA SER A 103 -3.60 -26.92 0.21
C SER A 103 -4.23 -26.23 -0.99
N TRP A 104 -5.41 -26.72 -1.39
CA TRP A 104 -6.21 -26.09 -2.41
C TRP A 104 -7.63 -25.90 -1.87
N VAL A 105 -8.43 -25.15 -2.62
CA VAL A 105 -9.80 -24.82 -2.23
C VAL A 105 -10.75 -25.30 -3.32
N ALA A 106 -11.92 -25.78 -2.91
CA ALA A 106 -12.92 -26.29 -3.84
C ALA A 106 -13.75 -25.15 -4.43
N ARG A 107 -13.06 -24.28 -5.16
CA ARG A 107 -13.76 -23.27 -5.95
C ARG A 107 -14.49 -23.94 -7.11
N ARG A 108 -15.30 -23.14 -7.80
CA ARG A 108 -16.08 -23.65 -8.92
C ARG A 108 -15.16 -24.25 -9.98
N ASP A 109 -15.44 -25.50 -10.36
CA ASP A 109 -14.65 -26.17 -11.40
C ASP A 109 -15.04 -25.62 -12.76
N LEU A 110 -15.00 -24.30 -12.87
CA LEU A 110 -15.34 -23.49 -14.03
C LEU A 110 -14.22 -22.48 -14.22
N PRO A 111 -14.04 -21.95 -15.43
CA PRO A 111 -13.00 -20.96 -15.65
C PRO A 111 -13.47 -19.53 -15.47
N GLU A 112 -12.55 -18.69 -15.02
CA GLU A 112 -12.83 -17.26 -14.93
C GLU A 112 -12.91 -16.68 -16.34
N LEU A 113 -13.94 -15.89 -16.60
CA LEU A 113 -14.19 -15.32 -17.92
C LEU A 113 -14.03 -13.81 -17.88
N ASP A 114 -13.60 -13.25 -19.00
CA ASP A 114 -13.46 -11.80 -19.11
C ASP A 114 -14.85 -11.15 -19.13
N GLY A 115 -14.85 -9.81 -19.14
CA GLY A 115 -16.10 -9.07 -19.18
C GLY A 115 -16.94 -9.33 -20.40
N HIS A 116 -16.37 -9.96 -21.43
CA HIS A 116 -17.09 -10.26 -22.66
C HIS A 116 -17.66 -11.68 -22.70
N GLY A 117 -17.27 -12.54 -21.76
CA GLY A 117 -17.82 -13.88 -21.64
C GLY A 117 -16.85 -15.00 -21.94
N HIS A 118 -15.75 -14.71 -22.65
CA HIS A 118 -14.83 -15.75 -23.07
C HIS A 118 -13.79 -16.02 -21.98
N ASN A 119 -13.07 -17.13 -22.14
CA ASN A 119 -12.11 -17.56 -21.14
C ASN A 119 -11.02 -16.51 -20.94
N LYS A 120 -10.65 -16.31 -19.66
CA LYS A 120 -9.63 -15.32 -19.34
C LYS A 120 -8.23 -15.83 -19.66
N ILE A 121 -8.00 -17.12 -19.43
CA ILE A 121 -6.69 -17.74 -19.66
C ILE A 121 -6.84 -18.73 -20.80
N LYS A 122 -6.24 -18.42 -21.94
CA LYS A 122 -6.15 -19.29 -23.09
C LYS A 122 -4.68 -19.59 -23.37
N PRO A 123 -4.36 -20.76 -23.90
CA PRO A 123 -2.99 -20.99 -24.39
C PRO A 123 -2.70 -20.01 -25.52
N MET A 124 -1.45 -19.59 -25.63
CA MET A 124 -1.08 -18.58 -26.61
C MET A 124 -1.58 -18.90 -27.99
N LYS A 125 -1.36 -20.12 -28.43
CA LYS A 125 -1.79 -20.56 -29.73
C LYS A 125 -3.23 -21.04 -29.67
N ALA A 126 -4.14 -20.07 -29.54
CA ALA A 126 -5.58 -20.19 -29.42
C ALA A 126 -5.91 -18.71 -29.28
N ALA A 127 -4.97 -18.01 -28.67
CA ALA A 127 -4.96 -16.56 -28.51
C ALA A 127 -4.60 -15.93 -29.85
N ALA A 128 -5.61 -15.36 -30.52
CA ALA A 128 -5.38 -14.73 -31.81
C ALA A 128 -4.54 -13.46 -31.63
N GLY A 129 -3.46 -13.37 -32.41
CA GLY A 129 -2.64 -12.18 -32.44
C GLY A 129 -1.70 -11.99 -31.27
N PHE A 130 -1.57 -12.98 -30.39
CA PHE A 130 -0.69 -12.86 -29.24
C PHE A 130 0.69 -13.44 -29.56
N HIS A 131 1.69 -12.88 -28.89
CA HIS A 131 3.09 -13.24 -29.09
C HIS A 131 3.87 -12.77 -27.88
N VAL A 132 5.19 -12.96 -27.93
CA VAL A 132 6.09 -12.50 -26.87
C VAL A 132 6.68 -11.16 -27.29
N SER A 133 6.47 -10.13 -26.47
CA SER A 133 6.89 -8.77 -26.77
C SER A 133 8.35 -8.51 -26.43
N ALA A 134 8.77 -8.82 -25.21
CA ALA A 134 10.14 -8.56 -24.78
C ALA A 134 10.58 -9.69 -23.86
N GLY A 135 11.85 -9.64 -23.48
CA GLY A 135 12.42 -10.66 -22.62
C GLY A 135 12.57 -11.99 -23.32
N LYS A 136 13.08 -12.97 -22.58
CA LYS A 136 13.26 -14.32 -23.11
C LYS A 136 11.92 -14.91 -23.51
N ASN A 137 11.96 -15.87 -24.42
CA ASN A 137 10.76 -16.59 -24.86
C ASN A 137 10.83 -18.00 -24.30
N PRO A 138 10.13 -18.30 -23.20
CA PRO A 138 10.33 -19.60 -22.54
C PRO A 138 9.92 -20.80 -23.39
N ILE A 139 9.11 -20.61 -24.44
CA ILE A 139 8.71 -21.72 -25.28
C ILE A 139 9.94 -22.30 -25.96
N GLY A 140 10.14 -23.61 -25.80
CA GLY A 140 11.28 -24.27 -26.39
C GLY A 140 12.32 -24.69 -25.38
N LEU A 141 12.56 -23.85 -24.37
CA LEU A 141 13.56 -24.15 -23.36
C LEU A 141 13.15 -25.37 -22.52
N PRO A 142 14.12 -26.14 -22.03
CA PRO A 142 13.81 -27.30 -21.17
C PRO A 142 13.58 -26.86 -19.73
N VAL A 143 12.37 -27.08 -19.24
CA VAL A 143 12.10 -26.89 -17.82
C VAL A 143 12.86 -27.96 -17.04
N ARG A 144 13.81 -27.52 -16.20
CA ARG A 144 14.53 -28.44 -15.34
C ARG A 144 14.03 -28.27 -13.91
N GLY A 145 13.76 -29.39 -13.26
CA GLY A 145 13.57 -29.36 -11.83
C GLY A 145 14.84 -28.91 -11.13
N CYS A 146 14.67 -28.44 -9.90
CA CYS A 146 15.81 -27.91 -9.18
C CYS A 146 16.76 -28.97 -8.62
N ASP A 147 16.46 -30.26 -8.76
CA ASP A 147 17.44 -31.27 -8.41
C ASP A 147 18.44 -31.39 -9.56
N LEU A 148 18.55 -30.33 -10.36
CA LEU A 148 19.46 -30.17 -11.49
C LEU A 148 19.19 -31.15 -12.62
N GLU A 149 18.21 -32.04 -12.46
CA GLU A 149 17.75 -32.90 -13.53
C GLU A 149 16.61 -32.22 -14.29
N ILE A 150 16.43 -32.62 -15.55
CA ILE A 150 15.46 -31.99 -16.45
C ILE A 150 14.26 -32.90 -16.57
N ALA A 151 13.06 -32.33 -16.47
CA ALA A 151 11.82 -33.10 -16.47
C ALA A 151 10.92 -32.82 -17.67
N GLY A 152 11.20 -31.77 -18.44
CA GLY A 152 10.36 -31.48 -19.59
C GLY A 152 10.86 -30.25 -20.32
N LYS A 153 10.02 -29.75 -21.21
CA LYS A 153 10.32 -28.54 -21.98
C LYS A 153 9.04 -27.75 -22.19
N VAL A 154 9.18 -26.43 -22.20
CA VAL A 154 8.03 -25.55 -22.41
C VAL A 154 7.56 -25.69 -23.85
N VAL A 155 6.28 -26.03 -24.02
CA VAL A 155 5.70 -26.16 -25.34
C VAL A 155 4.57 -25.17 -25.57
N ASP A 156 4.40 -24.18 -24.68
CA ASP A 156 3.48 -23.07 -24.87
C ASP A 156 3.54 -22.14 -23.66
N ILE A 157 2.84 -21.01 -23.78
CA ILE A 157 2.67 -20.03 -22.71
C ILE A 157 1.17 -19.81 -22.57
N TRP A 158 0.61 -20.16 -21.41
CA TRP A 158 -0.80 -19.87 -21.19
C TRP A 158 -0.93 -18.43 -20.72
N VAL A 159 -1.59 -17.61 -21.53
CA VAL A 159 -1.60 -16.17 -21.35
C VAL A 159 -2.96 -15.71 -20.84
N ASP A 160 -2.97 -14.52 -20.27
CA ASP A 160 -4.17 -13.84 -19.80
C ASP A 160 -4.50 -12.78 -20.85
N ILE A 161 -5.63 -12.94 -21.53
CA ILE A 161 -5.97 -12.09 -22.67
C ILE A 161 -6.43 -10.69 -22.24
N PRO A 162 -7.31 -10.54 -21.23
CA PRO A 162 -7.66 -9.17 -20.81
C PRO A 162 -6.48 -8.36 -20.28
N GLU A 163 -5.67 -8.95 -19.40
CA GLU A 163 -4.58 -8.22 -18.75
C GLU A 163 -3.23 -8.45 -19.41
N GLN A 164 -3.22 -9.15 -20.56
CA GLN A 164 -2.02 -9.39 -21.37
C GLN A 164 -0.77 -9.67 -20.55
N MET A 165 -0.70 -10.85 -19.94
CA MET A 165 0.48 -11.26 -19.20
C MET A 165 0.53 -12.78 -19.14
N ALA A 166 1.75 -13.32 -19.20
CA ALA A 166 1.92 -14.77 -19.13
C ALA A 166 1.60 -15.26 -17.73
N ARG A 167 0.76 -16.30 -17.65
CA ARG A 167 0.34 -16.83 -16.35
C ARG A 167 0.79 -18.25 -16.11
N PHE A 168 0.96 -19.07 -17.15
CA PHE A 168 1.39 -20.45 -16.98
C PHE A 168 2.42 -20.81 -18.04
N LEU A 169 3.13 -21.90 -17.77
CA LEU A 169 4.13 -22.45 -18.69
C LEU A 169 3.68 -23.87 -19.01
N GLU A 170 3.13 -24.09 -20.19
CA GLU A 170 2.70 -25.43 -20.59
C GLU A 170 3.94 -26.30 -20.76
N VAL A 171 4.21 -27.14 -19.78
CA VAL A 171 5.44 -27.93 -19.72
C VAL A 171 5.10 -29.37 -20.08
N GLU A 172 5.73 -29.89 -21.12
CA GLU A 172 5.49 -31.25 -21.58
C GLU A 172 6.59 -32.17 -21.05
N LEU A 173 6.19 -33.22 -20.34
CA LEU A 173 7.13 -34.13 -19.70
C LEU A 173 7.54 -35.25 -20.65
N LYS A 174 8.40 -36.14 -20.16
CA LYS A 174 8.99 -37.18 -21.01
C LYS A 174 7.96 -38.16 -21.53
N ASP A 175 6.85 -38.37 -20.82
CA ASP A 175 5.82 -39.30 -21.27
C ASP A 175 4.85 -38.67 -22.27
N GLY A 176 5.10 -37.43 -22.70
CA GLY A 176 4.27 -36.77 -23.69
C GLY A 176 3.14 -35.94 -23.11
N SER A 177 2.83 -36.09 -21.83
CA SER A 177 1.77 -35.30 -21.23
C SER A 177 2.28 -33.90 -20.90
N THR A 178 1.35 -32.99 -20.62
CA THR A 178 1.68 -31.61 -20.31
C THR A 178 1.09 -31.21 -18.96
N ARG A 179 1.91 -30.52 -18.17
CA ARG A 179 1.45 -29.87 -16.95
C ARG A 179 1.46 -28.36 -17.17
N LEU A 180 0.91 -27.66 -16.19
CA LEU A 180 0.94 -26.19 -16.15
C LEU A 180 1.79 -25.75 -14.96
N LEU A 181 2.67 -24.80 -15.21
CA LEU A 181 3.51 -24.27 -14.14
C LEU A 181 3.09 -22.84 -13.82
N PRO A 182 2.80 -22.52 -12.56
CA PRO A 182 2.60 -21.12 -12.19
C PRO A 182 3.83 -20.31 -12.57
N MET A 183 3.58 -19.16 -13.19
CA MET A 183 4.69 -18.42 -13.81
C MET A 183 5.55 -17.76 -12.75
N GLN A 184 4.97 -17.36 -11.61
CA GLN A 184 5.70 -16.80 -10.47
C GLN A 184 6.50 -17.87 -9.72
N MET A 185 6.52 -19.08 -10.28
CA MET A 185 7.22 -20.21 -9.70
C MET A 185 8.36 -20.73 -10.56
N VAL A 186 8.63 -20.12 -11.71
CA VAL A 186 9.73 -20.53 -12.57
C VAL A 186 10.66 -19.35 -12.76
N LYS A 187 11.93 -19.65 -13.00
CA LYS A 187 12.92 -18.64 -13.36
C LYS A 187 13.34 -18.87 -14.80
N VAL A 188 12.86 -18.02 -15.71
CA VAL A 188 13.21 -18.12 -17.12
C VAL A 188 14.67 -17.70 -17.27
N GLN A 189 15.54 -18.66 -17.56
CA GLN A 189 16.97 -18.41 -17.70
C GLN A 189 17.36 -18.49 -19.18
N SER A 190 18.60 -18.10 -19.46
CA SER A 190 19.03 -17.90 -20.84
C SER A 190 18.94 -19.19 -21.66
N ASN A 191 19.25 -20.33 -21.05
CA ASN A 191 19.22 -21.60 -21.76
C ASN A 191 18.43 -22.68 -21.04
N ARG A 192 17.66 -22.32 -20.01
CA ARG A 192 16.79 -23.27 -19.34
C ARG A 192 15.71 -22.50 -18.60
N VAL A 193 14.70 -23.23 -18.12
CA VAL A 193 13.72 -22.67 -17.19
C VAL A 193 13.85 -23.45 -15.89
N HIS A 194 13.95 -22.71 -14.79
CA HIS A 194 14.32 -23.28 -13.50
C HIS A 194 13.19 -23.12 -12.50
N VAL A 195 12.82 -24.21 -11.84
CA VAL A 195 11.65 -24.27 -10.97
C VAL A 195 12.13 -24.64 -9.58
N ASN A 196 12.10 -23.66 -8.67
CA ASN A 196 12.62 -23.87 -7.32
C ASN A 196 11.79 -24.89 -6.54
N ALA A 197 10.47 -24.86 -6.72
CA ALA A 197 9.60 -25.56 -5.78
C ALA A 197 9.70 -27.08 -5.91
N LEU A 198 9.92 -27.60 -7.12
CA LEU A 198 9.80 -29.03 -7.37
C LEU A 198 11.14 -29.65 -7.73
N SER A 199 11.18 -30.97 -7.63
CA SER A 199 12.24 -31.78 -8.19
C SER A 199 11.72 -32.43 -9.47
N SER A 200 12.52 -33.32 -10.06
CA SER A 200 12.13 -33.91 -11.33
C SER A 200 10.97 -34.89 -11.17
N ASP A 201 11.08 -35.80 -10.20
CA ASP A 201 10.11 -36.87 -10.02
C ASP A 201 8.76 -36.35 -9.55
N LEU A 202 8.66 -35.04 -9.33
CA LEU A 202 7.43 -34.46 -8.83
C LEU A 202 6.60 -33.75 -9.90
N PHE A 203 7.18 -33.49 -11.08
CA PHE A 203 6.45 -32.81 -12.13
C PHE A 203 5.29 -33.67 -12.65
N ALA A 204 5.50 -34.98 -12.72
CA ALA A 204 4.45 -35.89 -13.18
C ALA A 204 3.28 -35.95 -12.21
N GLY A 205 3.52 -35.65 -10.92
CA GLY A 205 2.45 -35.58 -9.95
C GLY A 205 1.62 -34.32 -9.99
N ILE A 206 2.03 -33.33 -10.78
CA ILE A 206 1.27 -32.08 -10.89
C ILE A 206 -0.13 -32.40 -11.40
N PRO A 207 -1.19 -31.84 -10.81
CA PRO A 207 -2.55 -32.13 -11.28
C PRO A 207 -2.73 -31.87 -12.76
N THR A 208 -3.51 -32.71 -13.39
CA THR A 208 -3.74 -32.63 -14.80
C THR A 208 -5.10 -32.05 -15.07
N ILE A 209 -5.15 -31.05 -15.92
CA ILE A 209 -6.40 -30.42 -16.26
C ILE A 209 -7.10 -31.25 -17.29
N LYS A 210 -8.40 -31.03 -17.43
CA LYS A 210 -9.19 -31.76 -18.38
C LYS A 210 -9.07 -31.14 -19.73
N SER A 211 -10.02 -30.32 -20.12
CA SER A 211 -9.96 -29.71 -21.44
C SER A 211 -8.73 -28.90 -21.64
N PRO A 212 -7.86 -29.33 -22.53
CA PRO A 212 -6.56 -28.82 -22.96
C PRO A 212 -6.52 -27.42 -23.55
N THR A 213 -7.65 -26.75 -23.58
CA THR A 213 -7.70 -25.37 -24.04
C THR A 213 -8.19 -24.43 -22.96
N GLU A 214 -8.44 -24.92 -21.75
CA GLU A 214 -8.94 -24.08 -20.67
C GLU A 214 -8.63 -24.74 -19.33
N VAL A 215 -8.31 -23.91 -18.34
CA VAL A 215 -8.08 -24.37 -16.97
C VAL A 215 -9.06 -23.66 -16.07
N THR A 216 -9.65 -24.42 -15.14
CA THR A 216 -10.75 -23.94 -14.32
C THR A 216 -10.25 -23.56 -12.91
N LEU A 217 -11.08 -22.78 -12.22
CA LEU A 217 -10.69 -22.20 -10.93
C LEU A 217 -10.25 -23.28 -9.95
N LEU A 218 -11.02 -24.36 -9.83
CA LEU A 218 -10.64 -25.46 -8.96
C LEU A 218 -9.34 -26.11 -9.45
N GLU A 219 -9.17 -26.22 -10.76
CA GLU A 219 -7.96 -26.83 -11.32
C GLU A 219 -6.74 -25.95 -11.09
N GLU A 220 -6.91 -24.63 -11.17
CA GLU A 220 -5.78 -23.73 -10.94
C GLU A 220 -5.24 -23.88 -9.53
N ASP A 221 -6.11 -24.11 -8.55
CA ASP A 221 -5.68 -24.17 -7.17
C ASP A 221 -4.95 -25.45 -6.85
N LYS A 222 -5.39 -26.57 -7.43
CA LYS A 222 -4.69 -27.82 -7.22
C LYS A 222 -3.31 -27.79 -7.87
N ILE A 223 -3.13 -26.98 -8.90
CA ILE A 223 -1.81 -26.84 -9.52
C ILE A 223 -0.93 -25.91 -8.72
N CYS A 224 -1.38 -24.66 -8.50
CA CYS A 224 -0.56 -23.72 -7.73
C CYS A 224 -0.38 -24.16 -6.30
N GLY A 225 -1.35 -24.90 -5.73
CA GLY A 225 -1.15 -25.45 -4.41
C GLY A 225 -0.08 -26.52 -4.39
N TYR A 226 -0.15 -27.46 -5.33
CA TYR A 226 0.88 -28.48 -5.50
C TYR A 226 2.27 -27.87 -5.59
N VAL A 227 2.49 -27.03 -6.61
CA VAL A 227 3.82 -26.47 -6.86
C VAL A 227 4.30 -25.67 -5.65
N ALA A 228 3.48 -24.73 -5.16
CA ALA A 228 3.88 -23.92 -4.02
C ALA A 228 4.13 -24.78 -2.79
N GLY A 229 3.32 -25.83 -2.59
CA GLY A 229 3.51 -26.70 -1.45
C GLY A 229 4.81 -27.48 -1.51
N GLY A 230 5.32 -27.71 -2.73
CA GLY A 230 6.56 -28.45 -2.90
C GLY A 230 7.79 -27.80 -2.30
N LEU A 231 7.70 -26.53 -1.91
CA LEU A 231 8.85 -25.88 -1.28
C LEU A 231 9.18 -26.53 0.06
N MET A 232 8.17 -26.77 0.87
CA MET A 232 8.44 -27.39 2.16
C MET A 232 8.61 -28.86 2.01
N TYR A 233 7.58 -29.53 1.54
CA TYR A 233 7.55 -30.98 1.38
C TYR A 233 8.36 -31.59 0.27
N ALA A 234 9.17 -30.83 -0.42
CA ALA A 234 9.91 -31.34 -1.52
C ALA A 234 11.12 -31.69 -0.79
N ALA A 235 12.04 -30.74 -0.76
CA ALA A 235 13.29 -30.81 -0.03
C ALA A 235 13.98 -32.12 -0.21
N PRO A 236 13.34 -33.01 -0.96
CA PRO A 236 14.00 -34.29 -1.19
C PRO A 236 15.40 -34.05 -1.78
N LYS A 237 15.51 -33.07 -2.68
CA LYS A 237 16.78 -32.70 -3.28
C LYS A 237 16.84 -31.25 -3.78
N ARG A 238 17.95 -30.98 -4.47
CA ARG A 238 18.36 -29.71 -5.08
C ARG A 238 18.93 -28.71 -4.08
N LYS A 239 20.01 -28.07 -4.50
CA LYS A 239 20.67 -27.06 -3.70
C LYS A 239 20.70 -25.77 -4.50
N SER A 240 21.81 -25.54 -5.22
CA SER A 240 21.99 -24.33 -6.03
C SER A 240 21.36 -24.42 -7.42
N ALA B 1 -11.15 -21.66 18.25
CA ALA B 1 -10.52 -20.43 17.80
C ALA B 1 -9.88 -20.59 16.43
N LEU B 2 -10.53 -21.38 15.58
CA LEU B 2 -10.05 -21.63 14.22
C LEU B 2 -11.05 -21.10 13.22
N LEU B 3 -10.54 -20.57 12.10
CA LEU B 3 -11.39 -20.15 11.00
C LEU B 3 -12.04 -21.36 10.35
N SER B 4 -13.05 -21.10 9.52
CA SER B 4 -13.79 -22.19 8.86
C SER B 4 -12.90 -23.06 7.99
N PHE B 5 -11.71 -22.57 7.62
CA PHE B 5 -10.85 -23.23 6.66
C PHE B 5 -9.42 -23.38 7.16
N GLU B 6 -9.20 -23.22 8.46
CA GLU B 6 -7.86 -23.07 8.99
C GLU B 6 -7.17 -24.39 9.29
N ARG B 7 -7.92 -25.49 9.41
CA ARG B 7 -7.30 -26.73 9.88
C ARG B 7 -6.27 -27.28 8.91
N LYS B 8 -6.47 -27.10 7.59
CA LYS B 8 -5.54 -27.71 6.65
C LYS B 8 -4.16 -27.06 6.75
N TYR B 9 -4.11 -25.75 6.97
CA TYR B 9 -2.86 -25.03 6.95
C TYR B 9 -2.09 -25.12 8.27
N ARG B 10 -2.75 -25.53 9.36
CA ARG B 10 -2.08 -25.65 10.65
C ARG B 10 -1.31 -26.96 10.77
N VAL B 11 -0.45 -27.25 9.80
CA VAL B 11 0.40 -28.44 9.85
C VAL B 11 1.70 -28.09 10.58
N PRO B 12 2.44 -29.06 11.08
CA PRO B 12 3.74 -28.76 11.70
C PRO B 12 4.83 -28.56 10.65
N GLY B 13 5.93 -27.99 11.11
CA GLY B 13 7.09 -27.76 10.26
C GLY B 13 7.21 -26.31 9.85
N GLY B 14 8.34 -26.01 9.21
CA GLY B 14 8.61 -24.67 8.73
C GLY B 14 9.24 -23.73 9.74
N THR B 15 9.57 -24.22 10.93
CA THR B 15 10.22 -23.37 11.92
C THR B 15 11.62 -22.99 11.47
N LEU B 16 12.02 -21.75 11.77
CA LEU B 16 13.36 -21.30 11.41
C LEU B 16 14.42 -21.86 12.33
N VAL B 17 14.06 -22.16 13.58
CA VAL B 17 15.01 -22.68 14.57
C VAL B 17 14.20 -23.23 15.73
N GLY B 18 14.79 -24.17 16.45
CA GLY B 18 14.12 -24.82 17.56
C GLY B 18 13.34 -26.06 17.18
N GLY B 19 13.13 -26.31 15.89
CA GLY B 19 12.36 -27.47 15.48
C GLY B 19 10.91 -27.34 15.91
N ASN B 20 10.32 -28.47 16.33
CA ASN B 20 8.93 -28.53 16.75
C ASN B 20 8.73 -28.11 18.20
N LEU B 21 9.72 -27.44 18.81
CA LEU B 21 9.62 -27.09 20.22
C LEU B 21 8.56 -26.03 20.45
N PHE B 22 8.70 -24.88 19.79
CA PHE B 22 7.72 -23.80 19.87
C PHE B 22 6.78 -23.79 18.67
N ASP B 23 6.63 -24.93 18.00
CA ASP B 23 5.70 -25.08 16.88
C ASP B 23 4.30 -25.35 17.45
N PHE B 24 3.61 -24.27 17.80
CA PHE B 24 2.22 -24.35 18.26
C PHE B 24 1.63 -22.96 18.26
N TRP B 25 0.31 -22.91 18.42
CA TRP B 25 -0.43 -21.65 18.46
C TRP B 25 -0.95 -21.39 19.88
N VAL B 26 -1.31 -20.14 20.12
CA VAL B 26 -2.05 -19.72 21.31
C VAL B 26 -3.25 -18.93 20.81
N GLY B 27 -4.43 -19.56 20.84
CA GLY B 27 -5.60 -18.97 20.24
C GLY B 27 -5.41 -18.83 18.74
N PRO B 28 -5.57 -17.61 18.22
CA PRO B 28 -5.28 -17.35 16.81
C PRO B 28 -3.81 -17.03 16.53
N PHE B 29 -3.03 -16.79 17.57
CA PHE B 29 -1.65 -16.34 17.41
C PHE B 29 -0.72 -17.52 17.19
N TYR B 30 0.23 -17.36 16.27
CA TYR B 30 1.31 -18.32 16.15
C TYR B 30 2.42 -17.92 17.12
N VAL B 31 2.90 -18.89 17.89
CA VAL B 31 3.96 -18.63 18.85
C VAL B 31 5.30 -18.67 18.12
N GLY B 32 5.83 -19.88 17.90
CA GLY B 32 7.16 -20.02 17.36
C GLY B 32 8.20 -19.60 18.39
N PHE B 33 9.49 -19.85 18.09
CA PHE B 33 10.54 -19.34 18.97
C PHE B 33 10.46 -17.83 19.09
N PHE B 34 10.38 -17.14 17.95
CA PHE B 34 10.51 -15.70 17.95
C PHE B 34 9.30 -15.01 18.56
N GLY B 35 8.16 -15.69 18.62
CA GLY B 35 7.06 -15.21 19.44
C GLY B 35 7.43 -15.19 20.91
N VAL B 36 8.20 -16.19 21.36
CA VAL B 36 8.67 -16.21 22.74
C VAL B 36 9.67 -15.09 22.98
N ALA B 37 10.62 -14.92 22.05
CA ALA B 37 11.58 -13.82 22.17
C ALA B 37 10.87 -12.47 22.10
N THR B 38 9.97 -12.30 21.13
CA THR B 38 9.22 -11.05 21.02
C THR B 38 8.50 -10.74 22.33
N PHE B 39 7.85 -11.74 22.91
CA PHE B 39 7.21 -11.54 24.20
C PHE B 39 8.24 -11.24 25.28
N PHE B 40 9.42 -11.86 25.19
CA PHE B 40 10.45 -11.66 26.21
C PHE B 40 10.99 -10.24 26.15
N PHE B 41 11.39 -9.77 24.97
CA PHE B 41 11.90 -8.41 24.85
C PHE B 41 10.82 -7.38 25.19
N ALA B 42 9.60 -7.59 24.70
CA ALA B 42 8.51 -6.65 24.96
C ALA B 42 8.18 -6.61 26.45
N ALA B 43 7.97 -7.78 27.06
CA ALA B 43 7.63 -7.82 28.48
C ALA B 43 8.73 -7.20 29.31
N LEU B 44 9.98 -7.64 29.12
CA LEU B 44 11.10 -7.08 29.87
C LEU B 44 11.31 -5.60 29.55
N GLY B 45 10.96 -5.17 28.33
CA GLY B 45 11.08 -3.76 27.99
C GLY B 45 10.06 -2.90 28.72
N ILE B 46 8.80 -3.37 28.78
CA ILE B 46 7.76 -2.62 29.50
C ILE B 46 8.16 -2.41 30.95
N ILE B 47 8.74 -3.43 31.59
CA ILE B 47 9.16 -3.33 32.98
C ILE B 47 10.07 -2.12 33.18
N LEU B 48 10.99 -1.89 32.25
CA LEU B 48 11.92 -0.77 32.39
C LEU B 48 11.23 0.57 32.17
N ILE B 49 10.17 0.59 31.37
CA ILE B 49 9.48 1.86 31.10
C ILE B 49 8.71 2.30 32.35
N ALA B 50 8.11 1.36 33.07
CA ALA B 50 7.45 1.68 34.33
C ALA B 50 8.48 2.03 35.40
N TRP B 51 9.64 1.38 35.37
CA TRP B 51 10.71 1.71 36.31
C TRP B 51 11.23 3.12 36.04
N SER B 52 11.45 3.46 34.76
CA SER B 52 11.86 4.82 34.42
C SER B 52 10.82 5.83 34.89
N ALA B 53 9.54 5.45 34.83
CA ALA B 53 8.48 6.32 35.34
C ALA B 53 8.54 6.44 36.86
N VAL B 54 8.98 5.39 37.54
CA VAL B 54 9.13 5.45 38.99
C VAL B 54 10.20 6.47 39.37
N LEU B 55 11.36 6.38 38.71
CA LEU B 55 12.46 7.28 39.03
C LEU B 55 12.14 8.72 38.67
N GLN B 56 11.37 8.93 37.60
CA GLN B 56 11.02 10.29 37.19
C GLN B 56 9.87 10.85 38.01
N GLY B 57 8.97 10.00 38.49
CA GLY B 57 7.96 10.41 39.43
C GLY B 57 6.60 10.75 38.84
N THR B 58 6.12 9.95 37.90
CA THR B 58 4.78 10.13 37.34
C THR B 58 4.37 8.86 36.62
N TRP B 59 3.06 8.61 36.62
CA TRP B 59 2.50 7.45 35.94
C TRP B 59 1.52 7.80 34.84
N ASN B 60 1.11 9.05 34.71
CA ASN B 60 0.28 9.46 33.59
C ASN B 60 1.06 9.26 32.29
N PRO B 61 0.46 8.65 31.27
CA PRO B 61 1.24 8.31 30.06
C PRO B 61 1.65 9.51 29.23
N GLN B 62 1.07 10.69 29.46
CA GLN B 62 1.44 11.87 28.69
C GLN B 62 2.69 12.55 29.23
N LEU B 63 3.17 12.17 30.42
CA LEU B 63 4.35 12.75 31.03
C LEU B 63 5.53 11.79 31.12
N ILE B 64 5.29 10.48 31.05
CA ILE B 64 6.40 9.53 31.04
C ILE B 64 7.24 9.77 29.79
N SER B 65 8.55 9.80 29.97
CA SER B 65 9.46 9.96 28.85
C SER B 65 10.83 9.48 29.28
N VAL B 66 11.57 8.87 28.35
CA VAL B 66 12.83 8.22 28.64
C VAL B 66 13.86 8.84 27.70
N TYR B 67 14.48 9.93 28.13
CA TYR B 67 15.48 10.60 27.30
C TYR B 67 16.79 9.82 27.29
N PRO B 68 17.54 9.90 26.18
CA PRO B 68 18.83 9.22 26.09
C PRO B 68 19.89 9.96 26.89
N PRO B 69 21.11 9.40 27.01
CA PRO B 69 22.19 10.09 27.74
C PRO B 69 22.43 11.51 27.28
N ALA B 70 23.08 12.31 28.13
CA ALA B 70 23.45 13.66 27.75
C ALA B 70 24.51 13.63 26.65
N LEU B 71 24.74 14.80 26.04
CA LEU B 71 25.73 14.89 24.98
C LEU B 71 27.14 14.71 25.53
N GLU B 72 27.39 15.15 26.76
CA GLU B 72 28.68 14.96 27.39
C GLU B 72 29.02 13.48 27.60
N TYR B 73 28.04 12.59 27.46
CA TYR B 73 28.28 11.16 27.63
C TYR B 73 28.82 10.50 26.38
N GLY B 74 28.66 11.12 25.21
CA GLY B 74 29.17 10.53 23.99
C GLY B 74 28.43 9.25 23.65
N LEU B 75 29.19 8.24 23.22
CA LEU B 75 28.65 6.92 22.95
C LEU B 75 29.03 5.91 24.04
N GLY B 76 29.22 6.39 25.27
CA GLY B 76 29.53 5.54 26.38
C GLY B 76 28.29 5.17 27.19
N GLY B 77 28.52 4.38 28.22
CA GLY B 77 27.46 4.03 29.14
C GLY B 77 26.97 5.23 29.92
N ALA B 78 25.89 5.01 30.67
CA ALA B 78 25.27 6.07 31.45
C ALA B 78 24.55 5.43 32.63
N PRO B 79 24.38 6.16 33.73
CA PRO B 79 23.57 5.63 34.84
C PRO B 79 22.11 5.50 34.40
N LEU B 80 21.46 4.46 34.91
CA LEU B 80 20.06 4.21 34.55
C LEU B 80 19.18 5.40 34.88
N ALA B 81 19.53 6.17 35.91
CA ALA B 81 18.73 7.32 36.28
C ALA B 81 18.84 8.44 35.26
N LYS B 82 19.99 8.55 34.57
CA LYS B 82 20.24 9.63 33.62
C LYS B 82 20.66 9.03 32.28
N GLY B 83 19.68 8.57 31.51
CA GLY B 83 19.88 8.08 30.17
C GLY B 83 20.16 6.60 30.05
N GLY B 84 20.73 5.99 31.10
CA GLY B 84 21.11 4.59 31.01
C GLY B 84 19.94 3.66 30.78
N LEU B 85 18.75 4.02 31.25
CA LEU B 85 17.58 3.19 31.01
C LEU B 85 17.19 3.19 29.55
N TRP B 86 17.23 4.37 28.90
CA TRP B 86 16.98 4.42 27.47
C TRP B 86 17.95 3.55 26.69
N GLN B 87 19.18 3.41 27.19
CA GLN B 87 20.17 2.59 26.52
C GLN B 87 19.74 1.12 26.49
N ILE B 88 19.16 0.63 27.58
CA ILE B 88 18.74 -0.77 27.62
C ILE B 88 17.43 -0.97 26.86
N ILE B 89 16.46 -0.07 27.09
CA ILE B 89 15.16 -0.18 26.44
C ILE B 89 15.31 -0.24 24.93
N THR B 90 16.29 0.49 24.40
CA THR B 90 16.51 0.49 22.95
C THR B 90 16.95 -0.89 22.46
N ILE B 91 17.73 -1.60 23.27
CA ILE B 91 18.10 -2.98 22.92
C ILE B 91 16.87 -3.88 22.93
N CYS B 92 16.07 -3.78 23.99
CA CYS B 92 14.85 -4.58 24.07
C CYS B 92 13.90 -4.28 22.92
N ALA B 93 13.72 -3.00 22.60
CA ALA B 93 12.89 -2.61 21.47
C ALA B 93 13.45 -3.17 20.17
N THR B 94 14.78 -3.09 19.98
CA THR B 94 15.39 -3.70 18.81
C THR B 94 15.16 -5.20 18.80
N GLY B 95 15.30 -5.85 19.95
CA GLY B 95 15.04 -7.28 20.02
C GLY B 95 13.61 -7.63 19.65
N ALA B 96 12.65 -6.81 20.10
CA ALA B 96 11.25 -7.08 19.81
C ALA B 96 10.92 -6.87 18.35
N PHE B 97 11.66 -6.01 17.66
CA PHE B 97 11.35 -5.68 16.27
C PHE B 97 11.95 -6.70 15.31
N VAL B 98 13.17 -7.17 15.60
CA VAL B 98 13.78 -8.22 14.78
C VAL B 98 13.10 -9.56 15.06
N SER B 99 12.75 -9.83 16.32
CA SER B 99 12.02 -11.06 16.63
C SER B 99 10.63 -11.06 16.01
N TRP B 100 9.99 -9.89 15.91
CA TRP B 100 8.71 -9.83 15.23
C TRP B 100 8.85 -10.16 13.75
N ALA B 101 9.85 -9.55 13.09
CA ALA B 101 10.05 -9.79 11.67
C ALA B 101 10.47 -11.22 11.39
N LEU B 102 11.33 -11.79 12.25
CA LEU B 102 11.79 -13.16 12.04
C LEU B 102 10.66 -14.15 12.29
N ARG B 103 9.79 -13.86 13.26
CA ARG B 103 8.62 -14.72 13.48
C ARG B 103 7.68 -14.69 12.29
N GLU B 104 7.63 -13.57 11.59
CA GLU B 104 6.80 -13.48 10.39
C GLU B 104 7.31 -14.42 9.30
N VAL B 105 8.64 -14.55 9.18
CA VAL B 105 9.21 -15.46 8.20
C VAL B 105 8.79 -16.90 8.51
N GLU B 106 8.79 -17.27 9.80
CA GLU B 106 8.34 -18.60 10.18
C GLU B 106 6.90 -18.84 9.76
N ILE B 107 6.05 -17.82 9.89
CA ILE B 107 4.66 -17.93 9.44
C ILE B 107 4.60 -18.10 7.93
N CYS B 108 5.52 -17.46 7.20
CA CYS B 108 5.50 -17.54 5.75
C CYS B 108 5.83 -18.95 5.26
N ARG B 109 6.83 -19.59 5.87
CA ARG B 109 7.18 -20.96 5.49
C ARG B 109 6.00 -21.90 5.68
N LYS B 110 5.23 -21.72 6.75
CA LYS B 110 4.10 -22.62 7.02
C LYS B 110 3.06 -22.54 5.91
N LEU B 111 2.78 -21.33 5.43
CA LEU B 111 1.79 -21.13 4.38
C LEU B 111 2.37 -21.24 2.98
N GLY B 112 3.69 -21.41 2.85
CA GLY B 112 4.30 -21.50 1.53
C GLY B 112 4.10 -20.27 0.69
N ILE B 113 4.10 -19.09 1.30
CA ILE B 113 3.92 -17.83 0.59
C ILE B 113 5.25 -17.08 0.56
N GLY B 114 5.28 -16.01 -0.24
CA GLY B 114 6.48 -15.23 -0.36
C GLY B 114 6.84 -14.49 0.91
N TYR B 115 8.11 -14.07 0.99
CA TYR B 115 8.62 -13.32 2.12
C TYR B 115 8.49 -11.82 1.94
N HIS B 116 7.50 -11.36 1.16
CA HIS B 116 7.42 -9.94 0.85
C HIS B 116 7.02 -9.11 2.07
N ILE B 117 6.19 -9.67 2.97
CA ILE B 117 5.75 -8.93 4.15
C ILE B 117 6.95 -8.62 5.05
N PRO B 118 7.72 -9.61 5.52
CA PRO B 118 8.82 -9.28 6.44
C PRO B 118 9.88 -8.40 5.82
N PHE B 119 10.15 -8.57 4.52
CA PHE B 119 11.15 -7.74 3.85
C PHE B 119 10.65 -6.31 3.73
N ALA B 120 9.35 -6.11 3.57
CA ALA B 120 8.81 -4.75 3.58
C ALA B 120 8.86 -4.16 4.98
N PHE B 121 8.65 -4.99 6.01
CA PHE B 121 8.82 -4.52 7.38
C PHE B 121 10.24 -4.05 7.63
N ALA B 122 11.22 -4.72 7.02
CA ALA B 122 12.62 -4.42 7.30
C ALA B 122 12.96 -2.97 7.02
N PHE B 123 12.21 -2.32 6.12
CA PHE B 123 12.52 -0.93 5.80
C PHE B 123 12.13 0.01 6.94
N ALA B 124 11.12 -0.36 7.74
CA ALA B 124 10.78 0.44 8.92
C ALA B 124 11.80 0.24 10.03
N ILE B 125 12.27 -1.00 10.22
CA ILE B 125 13.29 -1.26 11.23
C ILE B 125 14.58 -0.51 10.90
N LEU B 126 14.88 -0.39 9.60
CA LEU B 126 16.06 0.36 9.19
C LEU B 126 15.87 1.86 9.43
N ALA B 127 14.63 2.36 9.31
CA ALA B 127 14.39 3.76 9.61
C ALA B 127 14.50 4.02 11.11
N TYR B 128 14.09 3.06 11.93
CA TYR B 128 14.22 3.21 13.38
C TYR B 128 15.69 3.28 13.80
N LEU B 129 16.50 2.35 13.31
CA LEU B 129 17.91 2.32 13.69
C LEU B 129 18.67 3.50 13.11
N THR B 130 18.20 4.06 11.99
CA THR B 130 18.83 5.25 11.45
C THR B 130 18.77 6.39 12.46
N LEU B 131 17.64 6.53 13.17
CA LEU B 131 17.49 7.62 14.12
C LEU B 131 18.21 7.34 15.43
N VAL B 132 18.11 6.11 15.95
CA VAL B 132 18.61 5.81 17.29
C VAL B 132 19.98 5.17 17.30
N LEU B 133 20.50 4.73 16.15
CA LEU B 133 21.79 4.05 16.16
C LEU B 133 22.72 4.57 15.07
N PHE B 134 22.25 4.62 13.82
CA PHE B 134 23.16 4.96 12.73
C PHE B 134 23.54 6.44 12.74
N ARG B 135 22.56 7.33 12.90
CA ARG B 135 22.88 8.75 12.95
C ARG B 135 23.61 9.12 14.24
N PRO B 136 23.17 8.72 15.44
CA PRO B 136 23.91 9.12 16.65
C PRO B 136 25.29 8.51 16.79
N VAL B 137 25.58 7.37 16.16
CA VAL B 137 26.94 6.84 16.18
C VAL B 137 27.85 7.69 15.31
N MET B 138 27.38 8.04 14.10
CA MET B 138 28.16 8.92 13.23
C MET B 138 28.46 10.25 13.90
N MET B 139 27.56 10.71 14.76
CA MET B 139 27.70 12.02 15.38
C MET B 139 28.51 12.00 16.66
N GLY B 140 28.66 10.84 17.29
CA GLY B 140 29.48 10.73 18.49
C GLY B 140 28.76 10.98 19.80
N ALA B 141 27.45 10.75 19.87
CA ALA B 141 26.70 10.96 21.09
C ALA B 141 25.36 10.24 20.98
N TRP B 142 24.86 9.77 22.12
CA TRP B 142 23.52 9.18 22.15
C TRP B 142 22.44 10.25 22.29
N GLY B 143 22.79 11.43 22.82
CA GLY B 143 21.82 12.47 23.08
C GLY B 143 21.28 13.09 21.81
N TYR B 144 21.76 12.60 20.67
CA TYR B 144 21.27 13.02 19.37
C TYR B 144 20.11 12.17 18.88
N ALA B 145 19.78 11.07 19.58
CA ALA B 145 18.64 10.25 19.23
C ALA B 145 17.37 10.85 19.85
N PHE B 146 16.24 10.22 19.60
CA PHE B 146 15.03 10.82 20.15
C PHE B 146 14.60 10.11 21.43
N PRO B 147 13.93 10.80 22.32
CA PRO B 147 13.43 10.16 23.54
C PRO B 147 12.12 9.43 23.31
N TYR B 148 11.82 8.50 24.22
CA TYR B 148 10.65 7.64 24.10
C TYR B 148 9.52 8.25 24.94
N GLY B 149 8.84 9.22 24.35
CA GLY B 149 7.71 9.86 25.00
C GLY B 149 6.65 10.22 23.97
N ILE B 150 5.39 10.22 24.42
CA ILE B 150 4.28 10.46 23.51
C ILE B 150 4.36 11.87 22.92
N TRP B 151 4.27 12.88 23.78
CA TRP B 151 4.35 14.25 23.33
C TRP B 151 5.78 14.79 23.35
N THR B 152 6.72 14.04 23.92
CA THR B 152 8.10 14.49 23.95
C THR B 152 8.95 13.94 22.82
N HIS B 153 8.42 13.04 21.97
CA HIS B 153 9.14 12.71 20.75
C HIS B 153 8.71 13.59 19.59
N LEU B 154 7.62 14.36 19.75
CA LEU B 154 7.32 15.44 18.81
C LEU B 154 8.20 16.65 19.07
N ASP B 155 8.48 16.96 20.34
CA ASP B 155 9.37 18.08 20.64
C ASP B 155 10.76 17.86 20.06
N TRP B 156 11.22 16.61 20.03
CA TRP B 156 12.50 16.31 19.39
C TRP B 156 12.41 16.46 17.88
N VAL B 157 11.25 16.16 17.29
CA VAL B 157 11.08 16.32 15.86
C VAL B 157 11.06 17.80 15.48
N SER B 158 10.56 18.66 16.36
CA SER B 158 10.51 20.09 16.07
C SER B 158 11.87 20.75 16.27
N ASN B 159 12.53 20.46 17.40
CA ASN B 159 13.82 21.08 17.66
C ASN B 159 14.88 20.62 16.67
N THR B 160 14.84 19.34 16.28
CA THR B 160 15.83 18.83 15.33
C THR B 160 15.62 19.43 13.95
N GLY B 161 14.37 19.52 13.49
CA GLY B 161 14.12 20.07 12.17
C GLY B 161 14.46 21.54 12.08
N TYR B 162 14.15 22.31 13.13
CA TYR B 162 14.38 23.75 13.10
C TYR B 162 15.81 24.14 13.42
N THR B 163 16.64 23.19 13.86
CA THR B 163 18.07 23.46 14.00
C THR B 163 18.68 23.87 12.67
N TYR B 164 18.13 23.38 11.56
CA TYR B 164 18.68 23.59 10.23
C TYR B 164 17.75 24.49 9.40
N GLY B 165 17.19 25.51 10.06
CA GLY B 165 16.22 26.37 9.41
C GLY B 165 14.90 25.63 9.19
N ASN B 166 14.18 26.06 8.16
CA ASN B 166 13.00 25.33 7.73
C ASN B 166 13.44 24.00 7.16
N PHE B 167 13.16 22.91 7.89
CA PHE B 167 13.61 21.60 7.43
C PHE B 167 12.89 21.13 6.18
N HIS B 168 11.92 21.90 5.68
CA HIS B 168 11.24 21.57 4.44
C HIS B 168 12.17 21.60 3.24
N TYR B 169 13.40 22.10 3.39
CA TYR B 169 14.33 22.29 2.29
C TYR B 169 15.29 21.13 2.09
N ASN B 170 15.29 20.13 2.96
CA ASN B 170 16.12 18.94 2.76
C ASN B 170 15.80 18.29 1.42
N PRO B 171 16.77 18.19 0.50
CA PRO B 171 16.49 17.55 -0.80
C PRO B 171 15.86 16.18 -0.68
N ALA B 172 16.17 15.43 0.36
CA ALA B 172 15.61 14.09 0.53
C ALA B 172 14.34 14.09 1.38
N HIS B 173 14.16 15.07 2.27
CA HIS B 173 12.83 15.32 2.83
C HIS B 173 11.82 15.51 1.71
N MET B 174 12.11 16.44 0.80
CA MET B 174 11.23 16.70 -0.35
C MET B 174 10.89 15.42 -1.08
N ILE B 175 11.91 14.62 -1.40
CA ILE B 175 11.67 13.38 -2.14
C ILE B 175 10.89 12.39 -1.30
N ALA B 176 11.24 12.26 0.00
CA ALA B 176 10.50 11.38 0.88
C ALA B 176 9.05 11.84 1.02
N ILE B 177 8.82 13.15 1.04
CA ILE B 177 7.47 13.68 1.12
C ILE B 177 6.62 13.20 -0.05
N SER B 178 7.17 13.33 -1.27
CA SER B 178 6.40 13.04 -2.47
C SER B 178 5.92 11.60 -2.49
N PHE B 179 6.79 10.65 -2.14
CA PHE B 179 6.37 9.25 -2.10
C PHE B 179 5.27 9.02 -1.08
N PHE B 180 5.34 9.72 0.06
CA PHE B 180 4.31 9.58 1.09
C PHE B 180 2.97 10.09 0.59
N PHE B 181 2.95 11.29 0.01
CA PHE B 181 1.71 11.85 -0.51
C PHE B 181 1.15 10.98 -1.63
N THR B 182 2.03 10.46 -2.49
CA THR B 182 1.57 9.68 -3.63
C THR B 182 1.06 8.31 -3.20
N ASN B 183 1.73 7.68 -2.23
CA ASN B 183 1.31 6.38 -1.74
C ASN B 183 -0.12 6.42 -1.20
N ALA B 184 -0.44 7.47 -0.43
CA ALA B 184 -1.82 7.65 0.02
C ALA B 184 -2.75 7.86 -1.16
N LEU B 185 -2.32 8.67 -2.13
CA LEU B 185 -3.09 8.81 -3.37
C LEU B 185 -3.23 7.47 -4.08
N ALA B 186 -2.12 6.73 -4.19
CA ALA B 186 -2.16 5.44 -4.87
C ALA B 186 -3.05 4.45 -4.12
N LEU B 187 -2.95 4.43 -2.78
CA LEU B 187 -3.81 3.54 -2.01
C LEU B 187 -5.26 3.98 -2.06
N ALA B 188 -5.51 5.28 -2.15
CA ALA B 188 -6.87 5.80 -2.16
C ALA B 188 -7.63 5.32 -3.40
N LEU B 189 -6.97 5.30 -4.56
CA LEU B 189 -7.64 4.88 -5.79
C LEU B 189 -7.80 3.37 -5.84
N HIS B 190 -6.75 2.62 -5.53
CA HIS B 190 -6.82 1.17 -5.65
C HIS B 190 -7.88 0.59 -4.73
N GLY B 191 -8.05 1.17 -3.54
CA GLY B 191 -9.13 0.75 -2.67
C GLY B 191 -10.49 1.07 -3.26
N ALA B 192 -10.64 2.28 -3.82
CA ALA B 192 -11.90 2.67 -4.44
C ALA B 192 -12.13 1.94 -5.75
N LEU B 193 -11.05 1.66 -6.50
CA LEU B 193 -11.20 1.02 -7.80
C LEU B 193 -11.67 -0.43 -7.67
N VAL B 194 -11.29 -1.11 -6.59
CA VAL B 194 -11.71 -2.49 -6.40
C VAL B 194 -13.15 -2.55 -5.90
N LEU B 195 -13.49 -1.72 -4.92
CA LEU B 195 -14.84 -1.75 -4.35
C LEU B 195 -15.87 -1.25 -5.35
N SER B 196 -15.50 -0.27 -6.18
CA SER B 196 -16.43 0.24 -7.18
C SER B 196 -16.73 -0.79 -8.26
N ALA B 197 -15.96 -1.87 -8.35
CA ALA B 197 -16.22 -2.96 -9.28
C ALA B 197 -16.95 -4.13 -8.62
N ALA B 198 -16.50 -4.54 -7.42
CA ALA B 198 -17.19 -5.60 -6.69
C ALA B 198 -18.55 -5.13 -6.17
N ASN B 199 -18.76 -3.82 -6.02
CA ASN B 199 -20.03 -3.24 -5.60
C ASN B 199 -20.46 -2.26 -6.67
N PRO B 200 -21.08 -2.74 -7.75
CA PRO B 200 -21.45 -1.84 -8.85
C PRO B 200 -22.66 -0.98 -8.52
N GLU B 201 -23.35 -0.49 -9.56
CA GLU B 201 -24.61 0.21 -9.33
C GLU B 201 -25.63 -0.72 -8.67
N LYS B 202 -26.68 -0.11 -8.14
CA LYS B 202 -27.71 -0.83 -7.40
C LYS B 202 -28.41 -1.83 -8.31
N GLY B 203 -28.19 -3.12 -8.05
CA GLY B 203 -28.83 -4.19 -8.80
C GLY B 203 -28.06 -4.68 -10.00
N LYS B 204 -27.01 -3.99 -10.41
CA LYS B 204 -26.22 -4.43 -11.56
C LYS B 204 -25.31 -5.58 -11.17
N GLU B 205 -24.89 -6.34 -12.18
CA GLU B 205 -24.02 -7.48 -11.94
C GLU B 205 -22.63 -7.01 -11.54
N MET B 206 -21.92 -7.89 -10.84
CA MET B 206 -20.52 -7.63 -10.48
C MET B 206 -19.71 -7.33 -11.73
N ARG B 207 -18.89 -6.29 -11.67
CA ARG B 207 -18.04 -5.94 -12.78
C ARG B 207 -16.73 -6.70 -12.72
N THR B 208 -16.00 -6.69 -13.82
CA THR B 208 -14.79 -7.46 -14.01
C THR B 208 -13.56 -6.56 -13.97
N PRO B 209 -12.36 -7.14 -13.86
CA PRO B 209 -11.14 -6.34 -14.06
C PRO B 209 -11.10 -5.64 -15.41
N ASP B 210 -11.80 -6.16 -16.41
CA ASP B 210 -11.96 -5.43 -17.66
C ASP B 210 -12.57 -4.06 -17.40
N HIS B 211 -13.64 -4.03 -16.61
CA HIS B 211 -14.30 -2.77 -16.27
C HIS B 211 -13.37 -1.86 -15.48
N GLU B 212 -12.49 -2.44 -14.66
CA GLU B 212 -11.51 -1.64 -13.92
C GLU B 212 -10.55 -0.94 -14.86
N ASP B 213 -9.86 -1.70 -15.70
CA ASP B 213 -8.88 -1.11 -16.60
C ASP B 213 -9.51 -0.10 -17.54
N THR B 214 -10.74 -0.36 -17.97
CA THR B 214 -11.43 0.58 -18.85
C THR B 214 -11.72 1.90 -18.15
N PHE B 215 -11.94 1.85 -16.83
CA PHE B 215 -12.19 3.08 -16.07
C PHE B 215 -10.96 3.98 -16.07
N PHE B 216 -9.79 3.41 -15.75
CA PHE B 216 -8.57 4.21 -15.72
C PHE B 216 -8.23 4.77 -17.09
N ARG B 217 -8.29 3.91 -18.13
CA ARG B 217 -7.96 4.37 -19.47
C ARG B 217 -8.91 5.45 -19.96
N ASP B 218 -10.16 5.42 -19.49
CA ASP B 218 -11.10 6.49 -19.80
C ASP B 218 -10.80 7.76 -19.00
N LEU B 219 -10.21 7.62 -17.82
CA LEU B 219 -9.96 8.75 -16.94
C LEU B 219 -8.64 9.45 -17.24
N VAL B 220 -7.57 8.71 -17.49
CA VAL B 220 -6.24 9.31 -17.63
C VAL B 220 -5.49 8.70 -18.80
N GLY B 221 -6.11 7.77 -19.51
CA GLY B 221 -5.49 7.18 -20.68
C GLY B 221 -4.46 6.12 -20.40
N TYR B 222 -4.41 5.59 -19.18
CA TYR B 222 -3.51 4.49 -18.87
C TYR B 222 -4.02 3.74 -17.64
N SER B 223 -3.76 2.44 -17.63
CA SER B 223 -4.05 1.60 -16.48
C SER B 223 -2.82 0.76 -16.17
N ILE B 224 -2.32 0.86 -14.93
CA ILE B 224 -1.17 0.06 -14.52
C ILE B 224 -1.49 -1.40 -14.32
N GLY B 225 -2.77 -1.77 -14.32
CA GLY B 225 -3.15 -3.15 -14.17
C GLY B 225 -3.42 -3.52 -12.72
N THR B 226 -3.53 -4.83 -12.49
CA THR B 226 -3.80 -5.36 -11.16
C THR B 226 -2.55 -5.87 -10.47
N LEU B 227 -1.66 -6.55 -11.21
CA LEU B 227 -0.39 -6.95 -10.64
C LEU B 227 0.59 -5.79 -10.54
N GLY B 228 0.39 -4.75 -11.34
CA GLY B 228 1.27 -3.60 -11.32
C GLY B 228 0.96 -2.60 -10.23
N ILE B 229 -0.33 -2.41 -9.93
CA ILE B 229 -0.72 -1.47 -8.88
C ILE B 229 -0.21 -1.93 -7.53
N HIS B 230 -0.10 -3.25 -7.34
CA HIS B 230 0.38 -3.76 -6.06
C HIS B 230 1.88 -3.58 -5.94
N ARG B 231 2.60 -3.71 -7.07
CA ARG B 231 4.01 -3.37 -7.10
C ARG B 231 4.22 -1.89 -6.83
N LEU B 232 3.44 -1.04 -7.52
CA LEU B 232 3.46 0.39 -7.26
C LEU B 232 3.20 0.68 -5.79
N GLY B 233 2.35 -0.12 -5.15
CA GLY B 233 2.10 0.04 -3.73
C GLY B 233 3.32 -0.27 -2.89
N LEU B 234 3.88 -1.46 -3.09
CA LEU B 234 5.07 -1.85 -2.34
C LEU B 234 6.23 -0.89 -2.60
N LEU B 235 6.29 -0.29 -3.78
CA LEU B 235 7.43 0.57 -4.10
C LEU B 235 7.26 1.98 -3.56
N LEU B 236 6.07 2.58 -3.75
CA LEU B 236 5.85 3.93 -3.24
C LEU B 236 6.00 4.01 -1.73
N SER B 237 5.75 2.89 -1.04
CA SER B 237 5.83 2.87 0.41
C SER B 237 7.28 2.73 0.90
N LEU B 238 7.98 1.69 0.45
CA LEU B 238 9.38 1.52 0.87
C LEU B 238 10.27 2.65 0.37
N SER B 239 9.90 3.29 -0.75
CA SER B 239 10.66 4.45 -1.20
C SER B 239 10.46 5.63 -0.27
N ALA B 240 9.24 5.81 0.23
CA ALA B 240 8.97 6.91 1.16
C ALA B 240 9.81 6.78 2.42
N VAL B 241 9.82 5.59 3.03
CA VAL B 241 10.60 5.37 4.24
C VAL B 241 12.09 5.46 3.93
N PHE B 242 12.50 4.96 2.76
CA PHE B 242 13.90 4.97 2.36
C PHE B 242 14.51 6.36 2.49
N PHE B 243 13.93 7.34 1.80
CA PHE B 243 14.48 8.69 1.85
C PHE B 243 14.25 9.33 3.21
N SER B 244 13.20 8.93 3.93
CA SER B 244 13.01 9.38 5.30
C SER B 244 14.10 8.85 6.23
N ALA B 245 14.83 7.82 5.81
CA ALA B 245 16.05 7.43 6.50
C ALA B 245 17.26 8.16 5.91
N LEU B 246 17.29 8.29 4.58
CA LEU B 246 18.35 9.04 3.91
C LEU B 246 18.37 10.50 4.35
N CYS B 247 17.19 11.16 4.31
CA CYS B 247 17.12 12.58 4.61
C CYS B 247 17.63 12.88 6.01
N MET B 248 17.66 11.88 6.88
CA MET B 248 18.06 12.10 8.26
C MET B 248 19.53 11.78 8.50
N ILE B 249 20.06 10.73 7.86
CA ILE B 249 21.45 10.36 8.10
C ILE B 249 22.42 11.36 7.48
N ILE B 250 21.97 12.14 6.50
CA ILE B 250 22.80 13.21 5.97
C ILE B 250 22.67 14.50 6.78
N THR B 251 21.61 14.63 7.57
CA THR B 251 21.36 15.86 8.33
C THR B 251 22.28 15.89 9.54
N GLY B 252 23.21 16.84 9.56
CA GLY B 252 24.13 16.99 10.66
C GLY B 252 25.45 16.26 10.49
N THR B 253 25.49 15.21 9.67
CA THR B 253 26.74 14.50 9.41
C THR B 253 27.50 15.15 8.26
N ILE B 254 27.07 14.91 7.03
CA ILE B 254 27.73 15.55 5.89
C ILE B 254 27.25 16.97 5.64
N TRP B 255 26.16 17.38 6.27
CA TRP B 255 25.65 18.74 6.11
C TRP B 255 24.98 19.16 7.41
N PHE B 256 25.42 20.28 7.98
CA PHE B 256 24.93 20.73 9.27
C PHE B 256 24.46 22.18 9.29
N ASP B 257 24.51 22.88 8.16
CA ASP B 257 24.04 24.25 8.09
C ASP B 257 22.62 24.31 7.54
N GLN B 258 22.09 25.53 7.44
CA GLN B 258 20.71 25.73 7.01
C GLN B 258 20.45 25.06 5.66
N TRP B 259 19.39 24.26 5.61
CA TRP B 259 19.12 23.53 4.38
C TRP B 259 18.61 24.43 3.27
N VAL B 260 18.13 25.63 3.61
CA VAL B 260 17.74 26.58 2.57
C VAL B 260 18.99 27.07 1.82
N ASP B 261 20.14 27.13 2.50
CA ASP B 261 21.38 27.56 1.87
C ASP B 261 22.04 26.47 1.04
N TRP B 262 21.61 25.21 1.17
CA TRP B 262 22.13 24.18 0.28
C TRP B 262 21.76 24.46 -1.16
N TRP B 263 20.63 25.13 -1.40
CA TRP B 263 20.12 25.39 -2.73
C TRP B 263 20.81 26.56 -3.42
N GLN B 264 21.90 27.08 -2.86
CA GLN B 264 22.62 28.17 -3.50
C GLN B 264 23.51 27.70 -4.65
N TRP B 265 23.85 26.41 -4.71
CA TRP B 265 24.66 25.92 -5.82
C TRP B 265 23.93 26.09 -7.15
N TRP B 266 22.61 25.86 -7.15
CA TRP B 266 21.83 26.05 -8.37
C TRP B 266 21.75 27.53 -8.75
N VAL B 267 21.47 28.39 -7.79
CA VAL B 267 21.33 29.82 -8.08
C VAL B 267 22.67 30.43 -8.44
N LYS B 268 23.76 29.98 -7.82
CA LYS B 268 25.09 30.53 -8.05
C LYS B 268 25.88 29.74 -9.08
N LEU B 269 25.20 29.17 -10.09
CA LEU B 269 25.90 28.51 -11.18
C LEU B 269 26.51 29.55 -12.12
N PRO B 270 27.71 29.28 -12.66
CA PRO B 270 28.49 30.36 -13.29
C PRO B 270 27.81 31.04 -14.48
N TRP B 271 26.90 30.37 -15.19
CA TRP B 271 26.35 30.95 -16.41
C TRP B 271 25.10 31.78 -16.18
N TRP B 272 24.60 31.87 -14.94
CA TRP B 272 23.50 32.78 -14.65
C TRP B 272 23.59 33.45 -13.29
N ALA B 273 24.56 33.09 -12.43
CA ALA B 273 24.68 33.73 -11.12
C ALA B 273 24.96 35.22 -11.27
N ASN B 274 25.88 35.58 -12.16
CA ASN B 274 26.25 36.97 -12.38
C ASN B 274 25.41 37.63 -13.46
N ILE B 275 24.17 37.17 -13.64
CA ILE B 275 23.21 37.79 -14.55
C ILE B 275 22.12 38.42 -13.70
N PRO B 276 22.23 39.70 -13.42
CA PRO B 276 21.22 40.42 -12.64
C PRO B 276 19.85 40.47 -13.28
N GLY B 277 19.04 41.45 -12.92
CA GLY B 277 17.68 41.56 -13.43
C GLY B 277 16.71 40.74 -12.62
N GLY B 278 16.91 39.42 -12.61
CA GLY B 278 16.13 38.54 -11.77
C GLY B 278 16.23 38.94 -10.31
N ILE B 279 15.09 39.27 -9.70
CA ILE B 279 15.08 39.87 -8.38
C ILE B 279 15.40 38.87 -7.28
N ASN B 280 15.62 37.60 -7.62
CA ASN B 280 16.01 36.58 -6.65
C ASN B 280 17.48 36.18 -6.80
N GLY B 281 18.31 37.05 -7.37
CA GLY B 281 19.72 36.76 -7.54
C GLY B 281 20.52 37.97 -8.01
N GLU C 1 11.53 -19.39 -6.86
CA GLU C 1 10.86 -18.10 -6.75
C GLU C 1 11.73 -16.94 -7.22
N TYR C 2 11.13 -15.80 -7.50
CA TYR C 2 11.90 -14.65 -7.93
C TYR C 2 11.39 -13.32 -7.40
N GLN C 3 10.60 -13.37 -6.34
CA GLN C 3 10.02 -12.18 -5.74
C GLN C 3 9.32 -11.34 -6.82
N ASN C 4 8.30 -11.92 -7.42
CA ASN C 4 7.50 -11.33 -8.50
C ASN C 4 7.34 -9.82 -8.55
N ILE C 5 8.42 -9.10 -8.81
CA ILE C 5 8.32 -7.66 -8.82
C ILE C 5 8.20 -7.28 -10.25
N PHE C 6 9.22 -7.63 -11.02
CA PHE C 6 9.15 -7.32 -12.44
C PHE C 6 8.72 -8.56 -13.22
N SER C 7 8.49 -8.41 -14.52
CA SER C 7 8.03 -9.52 -15.33
C SER C 7 9.19 -10.08 -16.14
N GLN C 8 9.33 -11.41 -16.15
CA GLN C 8 10.37 -12.02 -16.96
C GLN C 8 10.04 -11.96 -18.44
N VAL C 9 8.79 -12.21 -18.79
CA VAL C 9 8.37 -12.28 -20.18
C VAL C 9 7.21 -11.32 -20.41
N GLN C 10 7.14 -10.79 -21.62
CA GLN C 10 6.11 -9.84 -22.03
C GLN C 10 5.28 -10.47 -23.14
N VAL C 11 3.96 -10.47 -22.97
CA VAL C 11 3.06 -10.89 -24.03
C VAL C 11 2.17 -9.72 -24.40
N ARG C 12 1.67 -9.73 -25.63
CA ARG C 12 0.86 -8.64 -26.14
C ARG C 12 -0.04 -9.15 -27.26
N GLY C 13 -1.28 -8.68 -27.25
CA GLY C 13 -2.20 -8.98 -28.31
C GLY C 13 -2.73 -7.70 -28.93
N PRO C 14 -3.80 -7.82 -29.71
CA PRO C 14 -4.42 -6.63 -30.31
C PRO C 14 -4.75 -5.59 -29.24
N ALA C 15 -4.81 -4.34 -29.66
CA ALA C 15 -5.12 -3.25 -28.75
C ALA C 15 -6.47 -3.48 -28.09
N ASP C 16 -6.55 -3.13 -26.81
CA ASP C 16 -7.73 -3.38 -25.99
C ASP C 16 -8.59 -2.12 -25.99
N LEU C 17 -9.68 -2.13 -26.77
CA LEU C 17 -10.60 -1.01 -26.82
C LEU C 17 -11.52 -0.94 -25.61
N GLY C 18 -11.32 -1.81 -24.62
CA GLY C 18 -12.08 -1.74 -23.40
C GLY C 18 -13.52 -2.18 -23.56
N MET C 19 -14.21 -2.24 -22.43
CA MET C 19 -15.63 -2.58 -22.44
C MET C 19 -16.46 -1.37 -22.88
N THR C 20 -17.75 -1.63 -23.09
CA THR C 20 -18.66 -0.64 -23.63
C THR C 20 -19.71 -0.24 -22.60
N GLU C 21 -20.63 -1.15 -22.23
CA GLU C 21 -21.73 -0.85 -21.30
C GLU C 21 -22.49 0.36 -21.84
N ASP C 22 -22.74 1.39 -21.05
CA ASP C 22 -23.43 2.59 -21.52
C ASP C 22 -22.46 3.70 -21.89
N VAL C 23 -21.17 3.39 -22.03
CA VAL C 23 -20.17 4.40 -22.37
C VAL C 23 -20.39 4.86 -23.80
N ASN C 24 -20.53 6.16 -23.95
CA ASN C 24 -20.65 6.73 -25.28
C ASN C 24 -19.35 6.35 -25.93
N LEU C 25 -19.39 5.99 -27.19
CA LEU C 25 -18.17 5.61 -27.86
C LEU C 25 -17.49 6.76 -28.52
N ALA C 26 -16.91 6.48 -29.67
CA ALA C 26 -16.42 7.59 -30.44
C ALA C 26 -15.41 8.39 -29.70
N ASN C 27 -15.83 8.94 -28.56
CA ASN C 27 -14.94 9.77 -27.76
C ASN C 27 -13.57 9.18 -27.43
N ARG C 28 -13.48 7.89 -27.18
CA ARG C 28 -12.20 7.29 -26.95
C ARG C 28 -11.32 7.50 -28.16
N SER C 29 -10.17 8.12 -27.94
CA SER C 29 -9.18 8.37 -28.98
C SER C 29 -8.65 7.06 -29.55
N GLY C 30 -7.92 7.16 -30.65
CA GLY C 30 -7.17 6.01 -31.11
C GLY C 30 -6.18 5.57 -30.06
N VAL C 31 -6.08 4.25 -29.85
CA VAL C 31 -5.20 3.74 -28.81
C VAL C 31 -3.77 4.22 -29.06
N GLY C 32 -3.12 4.64 -27.98
CA GLY C 32 -1.74 5.06 -28.05
C GLY C 32 -0.82 3.89 -28.29
N PRO C 33 0.49 4.14 -28.23
CA PRO C 33 1.46 3.05 -28.45
C PRO C 33 1.52 2.08 -27.29
N PHE C 34 2.37 1.06 -27.42
CA PHE C 34 2.66 0.11 -26.35
C PHE C 34 4.09 0.36 -25.88
N SER C 35 4.24 0.75 -24.63
CA SER C 35 5.56 1.02 -24.05
C SER C 35 6.04 -0.23 -23.33
N THR C 36 7.06 -0.88 -23.90
CA THR C 36 7.67 -2.04 -23.24
C THR C 36 8.27 -1.65 -21.89
N LEU C 37 8.75 -0.41 -21.78
CA LEU C 37 9.32 0.08 -20.53
C LEU C 37 8.36 -0.13 -19.36
N LEU C 38 7.09 0.27 -19.53
CA LEU C 38 6.12 0.08 -18.45
C LEU C 38 5.71 -1.37 -18.29
N GLY C 39 5.73 -2.15 -19.39
CA GLY C 39 5.23 -3.50 -19.33
C GLY C 39 5.98 -4.39 -18.35
N TRP C 40 7.24 -4.05 -18.06
CA TRP C 40 7.98 -4.76 -17.03
C TRP C 40 7.33 -4.60 -15.67
N PHE C 41 6.78 -3.42 -15.41
CA PHE C 41 6.04 -3.16 -14.17
C PHE C 41 4.58 -3.56 -14.31
N GLY C 42 3.79 -2.73 -14.97
CA GLY C 42 2.38 -3.01 -15.17
C GLY C 42 2.03 -3.31 -16.61
N ASN C 43 0.95 -2.69 -17.09
CA ASN C 43 0.54 -2.87 -18.47
C ASN C 43 1.43 -2.04 -19.41
N ALA C 44 1.38 -2.36 -20.69
CA ALA C 44 2.15 -1.66 -21.70
C ALA C 44 1.31 -0.75 -22.59
N GLN C 45 0.00 -0.91 -22.60
CA GLN C 45 -0.87 -0.18 -23.52
C GLN C 45 -1.17 1.21 -22.98
N LEU C 46 -0.98 2.22 -23.82
CA LEU C 46 -1.36 3.59 -23.52
C LEU C 46 -2.65 3.93 -24.24
N GLY C 47 -3.59 4.55 -23.52
CA GLY C 47 -4.88 4.85 -24.08
C GLY C 47 -5.70 3.61 -24.31
N PRO C 48 -6.89 3.75 -24.90
CA PRO C 48 -7.47 5.01 -25.37
C PRO C 48 -8.07 5.88 -24.26
N ILE C 49 -7.83 7.18 -24.33
CA ILE C 49 -8.37 8.12 -23.35
C ILE C 49 -9.74 8.59 -23.81
N TYR C 50 -10.63 8.81 -22.85
CA TYR C 50 -11.96 9.35 -23.12
C TYR C 50 -11.94 10.84 -22.82
N LEU C 51 -12.31 11.65 -23.82
CA LEU C 51 -12.36 13.10 -23.68
C LEU C 51 -13.77 13.56 -24.00
N GLY C 52 -14.50 13.97 -22.97
CA GLY C 52 -15.85 14.46 -23.11
C GLY C 52 -15.95 15.95 -22.94
N SER C 53 -17.18 16.42 -22.68
CA SER C 53 -17.41 17.84 -22.45
C SER C 53 -16.61 18.34 -21.25
N LEU C 54 -16.85 17.74 -20.07
CA LEU C 54 -16.07 18.11 -18.89
C LEU C 54 -14.58 17.81 -19.10
N GLY C 55 -14.26 16.78 -19.88
CA GLY C 55 -12.87 16.46 -20.13
C GLY C 55 -12.12 17.59 -20.79
N VAL C 56 -12.68 18.13 -21.88
CA VAL C 56 -12.06 19.26 -22.57
C VAL C 56 -12.11 20.50 -21.70
N LEU C 57 -13.25 20.75 -21.05
CA LEU C 57 -13.37 21.91 -20.17
C LEU C 57 -12.33 21.86 -19.06
N SER C 58 -12.09 20.67 -18.50
CA SER C 58 -11.11 20.53 -17.43
C SER C 58 -9.70 20.80 -17.95
N LEU C 59 -9.30 20.08 -19.00
CA LEU C 59 -7.95 20.24 -19.54
C LEU C 59 -7.70 21.68 -19.99
N PHE C 60 -8.71 22.34 -20.54
CA PHE C 60 -8.55 23.73 -20.95
C PHE C 60 -8.35 24.63 -19.74
N SER C 61 -9.21 24.49 -18.73
CA SER C 61 -9.08 25.34 -17.53
C SER C 61 -7.76 25.10 -16.81
N GLY C 62 -7.27 23.87 -16.84
CA GLY C 62 -6.02 23.57 -16.16
C GLY C 62 -4.82 24.19 -16.84
N LEU C 63 -4.77 24.10 -18.17
CA LEU C 63 -3.69 24.75 -18.91
C LEU C 63 -3.75 26.26 -18.75
N MET C 64 -4.96 26.83 -18.63
CA MET C 64 -5.08 28.25 -18.33
C MET C 64 -4.48 28.58 -16.97
N TRP C 65 -4.72 27.70 -15.98
CA TRP C 65 -4.12 27.89 -14.67
C TRP C 65 -2.61 27.70 -14.73
N PHE C 66 -2.15 26.68 -15.44
CA PHE C 66 -0.72 26.43 -15.58
C PHE C 66 -0.01 27.63 -16.20
N PHE C 67 -0.62 28.23 -17.22
CA PHE C 67 0.03 29.31 -17.96
C PHE C 67 -0.04 30.62 -17.20
N THR C 68 -1.19 30.93 -16.60
CA THR C 68 -1.35 32.17 -15.85
C THR C 68 -0.28 32.31 -14.77
N ILE C 69 0.12 31.19 -14.16
CA ILE C 69 1.22 31.22 -13.21
C ILE C 69 2.54 31.41 -13.92
N GLY C 70 2.77 30.64 -14.99
CA GLY C 70 4.05 30.69 -15.67
C GLY C 70 4.32 32.01 -16.36
N ILE C 71 3.27 32.64 -16.90
CA ILE C 71 3.41 33.98 -17.47
C ILE C 71 4.00 34.92 -16.44
N TRP C 72 3.48 34.88 -15.22
CA TRP C 72 3.99 35.70 -14.13
C TRP C 72 5.45 35.40 -13.83
N PHE C 73 5.83 34.12 -13.91
CA PHE C 73 7.24 33.76 -13.66
C PHE C 73 8.18 34.40 -14.68
N TRP C 74 7.70 34.61 -15.91
CA TRP C 74 8.55 35.29 -16.89
C TRP C 74 8.62 36.79 -16.63
N TYR C 75 7.53 37.39 -16.16
CA TYR C 75 7.56 38.81 -15.83
C TYR C 75 8.59 39.09 -14.75
N GLN C 76 8.57 38.31 -13.67
CA GLN C 76 9.62 38.43 -12.67
C GLN C 76 10.99 38.17 -13.28
N ALA C 77 11.08 37.22 -14.22
CA ALA C 77 12.37 36.76 -14.72
C ALA C 77 12.86 37.67 -15.84
N GLY C 78 12.36 38.91 -15.86
CA GLY C 78 12.73 39.89 -16.86
C GLY C 78 12.67 39.37 -18.28
N TRP C 79 11.82 38.37 -18.51
CA TRP C 79 11.66 37.69 -19.79
C TRP C 79 12.93 37.01 -20.26
N ASN C 80 13.82 36.67 -19.32
CA ASN C 80 15.13 36.10 -19.65
C ASN C 80 15.14 34.61 -19.31
N PRO C 81 15.47 33.75 -20.28
CA PRO C 81 15.48 32.31 -20.00
C PRO C 81 16.50 31.88 -18.96
N ALA C 82 17.67 32.52 -18.91
CA ALA C 82 18.70 32.09 -17.97
C ALA C 82 18.26 32.27 -16.52
N VAL C 83 17.62 33.40 -16.22
CA VAL C 83 17.15 33.62 -14.85
C VAL C 83 15.84 32.91 -14.56
N PHE C 84 15.06 32.56 -15.59
CA PHE C 84 13.91 31.67 -15.38
C PHE C 84 14.35 30.37 -14.72
N LEU C 85 15.25 29.63 -15.38
CA LEU C 85 15.69 28.34 -14.86
C LEU C 85 16.36 28.49 -13.49
N ARG C 86 17.13 29.57 -13.31
CA ARG C 86 17.91 29.71 -12.09
C ARG C 86 16.99 29.91 -10.88
N ASP C 87 16.15 30.94 -10.92
CA ASP C 87 15.25 31.27 -9.83
C ASP C 87 13.93 30.51 -9.90
N LEU C 88 13.86 29.44 -10.72
CA LEU C 88 12.57 28.82 -11.03
C LEU C 88 11.80 28.44 -9.78
N PHE C 89 12.49 27.94 -8.76
CA PHE C 89 11.81 27.51 -7.54
C PHE C 89 11.29 28.69 -6.73
N PHE C 90 11.80 29.90 -6.97
CA PHE C 90 11.55 31.02 -6.07
C PHE C 90 10.39 31.91 -6.50
N PHE C 91 10.04 31.97 -7.79
CA PHE C 91 8.91 32.83 -8.17
C PHE C 91 7.64 32.38 -7.45
N SER C 92 6.73 33.33 -7.26
CA SER C 92 5.53 33.07 -6.48
C SER C 92 4.40 34.00 -6.93
N LEU C 93 3.19 33.47 -6.98
CA LEU C 93 1.97 34.25 -7.19
C LEU C 93 1.27 34.39 -5.84
N GLU C 94 1.43 35.55 -5.22
CA GLU C 94 0.81 35.74 -3.92
C GLU C 94 -0.61 36.31 -4.08
N PRO C 95 -1.50 36.01 -3.13
CA PRO C 95 -2.86 36.54 -3.20
C PRO C 95 -2.90 38.00 -2.81
N PRO C 96 -4.07 38.66 -2.92
CA PRO C 96 -4.14 40.07 -2.56
C PRO C 96 -3.72 40.34 -1.13
N ALA C 97 -3.18 41.54 -0.91
CA ALA C 97 -2.82 42.00 0.42
C ALA C 97 -4.08 42.06 1.30
N PRO C 98 -3.92 42.05 2.63
CA PRO C 98 -5.11 42.11 3.50
C PRO C 98 -5.92 43.38 3.31
N GLU C 99 -5.29 44.46 2.84
CA GLU C 99 -5.98 45.72 2.59
C GLU C 99 -7.11 45.57 1.58
N TYR C 100 -7.09 44.51 0.77
CA TYR C 100 -8.16 44.25 -0.18
C TYR C 100 -9.26 43.42 0.48
N GLY C 101 -9.05 42.11 0.57
CA GLY C 101 -9.97 41.24 1.30
C GLY C 101 -11.25 40.90 0.56
N LEU C 102 -11.28 39.70 0.02
CA LEU C 102 -12.40 39.17 -0.72
C LEU C 102 -12.71 39.99 -1.96
N SER C 103 -12.68 41.31 -1.83
CA SER C 103 -12.95 42.15 -2.98
C SER C 103 -12.07 41.74 -4.16
N PHE C 104 -12.67 41.71 -5.35
CA PHE C 104 -11.96 41.34 -6.57
C PHE C 104 -11.38 42.55 -7.30
N ALA C 105 -11.29 43.70 -6.62
CA ALA C 105 -10.71 44.90 -7.20
C ALA C 105 -9.20 44.98 -6.99
N ALA C 106 -8.54 43.84 -6.81
CA ALA C 106 -7.09 43.84 -6.67
C ALA C 106 -6.44 44.02 -8.04
N PRO C 107 -5.45 44.91 -8.18
CA PRO C 107 -4.74 45.04 -9.45
C PRO C 107 -4.05 43.75 -9.82
N LEU C 108 -3.76 43.61 -11.11
CA LEU C 108 -3.11 42.39 -11.61
C LEU C 108 -1.76 42.17 -10.93
N LYS C 109 -0.89 43.16 -10.99
CA LYS C 109 0.44 43.07 -10.37
C LYS C 109 0.41 43.05 -8.83
N GLU C 110 -0.75 42.98 -8.16
CA GLU C 110 -0.78 43.00 -6.70
C GLU C 110 -1.91 42.12 -6.16
N GLY C 111 -2.17 40.99 -6.83
CA GLY C 111 -3.14 40.05 -6.30
C GLY C 111 -4.28 39.70 -7.24
N GLY C 112 -4.55 40.57 -8.23
CA GLY C 112 -5.61 40.26 -9.18
C GLY C 112 -5.31 39.02 -10.00
N LEU C 113 -4.04 38.80 -10.31
CA LEU C 113 -3.65 37.62 -11.08
C LEU C 113 -3.85 36.33 -10.29
N TRP C 114 -3.87 36.40 -8.95
CA TRP C 114 -4.19 35.24 -8.15
C TRP C 114 -5.59 34.73 -8.45
N LEU C 115 -6.59 35.61 -8.32
CA LEU C 115 -7.98 35.20 -8.51
C LEU C 115 -8.24 34.70 -9.93
N ILE C 116 -7.50 35.22 -10.91
CA ILE C 116 -7.62 34.69 -12.27
C ILE C 116 -7.19 33.23 -12.30
N ALA C 117 -5.98 32.95 -11.81
CA ALA C 117 -5.50 31.57 -11.79
C ALA C 117 -6.33 30.70 -10.84
N SER C 118 -6.83 31.29 -9.75
CA SER C 118 -7.65 30.53 -8.81
C SER C 118 -8.99 30.14 -9.41
N PHE C 119 -9.53 30.97 -10.30
CA PHE C 119 -10.81 30.63 -10.93
C PHE C 119 -10.64 29.48 -11.92
N PHE C 120 -9.51 29.43 -12.62
CA PHE C 120 -9.23 28.32 -13.51
C PHE C 120 -9.05 27.03 -12.71
N MET C 121 -8.23 27.09 -11.65
CA MET C 121 -8.04 25.92 -10.79
C MET C 121 -9.37 25.45 -10.21
N PHE C 122 -10.18 26.39 -9.71
CA PHE C 122 -11.46 26.03 -9.11
C PHE C 122 -12.35 25.27 -10.09
N VAL C 123 -12.40 25.73 -11.35
CA VAL C 123 -13.29 25.09 -12.31
C VAL C 123 -12.65 23.85 -12.92
N ALA C 124 -11.32 23.81 -13.03
CA ALA C 124 -10.67 22.65 -13.63
C ALA C 124 -10.77 21.43 -12.72
N VAL C 125 -10.62 21.63 -11.41
CA VAL C 125 -10.66 20.51 -10.49
C VAL C 125 -12.06 19.94 -10.38
N TRP C 126 -13.07 20.81 -10.22
CA TRP C 126 -14.45 20.33 -10.14
C TRP C 126 -14.92 19.74 -11.46
N SER C 127 -14.42 20.25 -12.60
CA SER C 127 -14.70 19.60 -13.87
C SER C 127 -14.14 18.19 -13.89
N TRP C 128 -12.98 17.98 -13.26
CA TRP C 128 -12.42 16.64 -13.16
C TRP C 128 -13.21 15.78 -12.18
N TRP C 129 -13.70 16.37 -11.08
CA TRP C 129 -14.53 15.60 -10.17
C TRP C 129 -15.78 15.09 -10.86
N GLY C 130 -16.47 15.98 -11.59
CA GLY C 130 -17.59 15.53 -12.40
C GLY C 130 -17.20 14.46 -13.39
N ARG C 131 -15.95 14.48 -13.85
CA ARG C 131 -15.48 13.46 -14.78
C ARG C 131 -15.30 12.11 -14.10
N THR C 132 -14.75 12.11 -12.87
CA THR C 132 -14.54 10.87 -12.15
C THR C 132 -15.85 10.20 -11.73
N TYR C 133 -16.95 10.95 -11.74
CA TYR C 133 -18.25 10.38 -11.41
C TYR C 133 -18.95 9.82 -12.64
N LEU C 134 -18.88 10.54 -13.77
CA LEU C 134 -19.57 10.08 -14.97
C LEU C 134 -18.89 8.86 -15.59
N ARG C 135 -17.58 8.70 -15.39
CA ARG C 135 -16.92 7.47 -15.87
C ARG C 135 -17.30 6.27 -15.02
N ALA C 136 -17.58 6.49 -13.73
CA ALA C 136 -18.02 5.38 -12.89
C ALA C 136 -19.43 4.94 -13.27
N GLN C 137 -20.35 5.89 -13.43
CA GLN C 137 -21.73 5.55 -13.76
C GLN C 137 -21.86 5.02 -15.19
N ALA C 138 -20.98 5.46 -16.09
CA ALA C 138 -21.08 5.04 -17.49
C ALA C 138 -20.85 3.53 -17.65
N LEU C 139 -19.98 2.95 -16.82
CA LEU C 139 -19.74 1.52 -16.84
C LEU C 139 -20.55 0.76 -15.80
N GLY C 140 -21.63 1.36 -15.31
CA GLY C 140 -22.49 0.71 -14.32
C GLY C 140 -21.73 0.25 -13.11
N MET C 141 -20.85 1.12 -12.59
CA MET C 141 -19.92 0.77 -11.54
C MET C 141 -20.25 1.55 -10.27
N GLY C 142 -19.72 1.04 -9.15
CA GLY C 142 -19.74 1.82 -7.94
C GLY C 142 -19.02 3.14 -8.12
N LYS C 143 -19.42 4.12 -7.31
CA LYS C 143 -18.91 5.47 -7.44
C LYS C 143 -17.97 5.82 -6.29
N HIS C 144 -17.28 4.80 -5.77
CA HIS C 144 -16.38 4.97 -4.65
C HIS C 144 -15.27 5.98 -4.95
N THR C 145 -14.82 6.03 -6.21
CA THR C 145 -13.72 6.92 -6.57
C THR C 145 -14.13 8.38 -6.44
N ALA C 146 -15.38 8.71 -6.81
CA ALA C 146 -15.82 10.10 -6.76
C ALA C 146 -15.87 10.64 -5.35
N TRP C 147 -16.17 9.79 -4.37
CA TRP C 147 -16.25 10.26 -2.99
C TRP C 147 -14.87 10.38 -2.35
N ALA C 148 -13.96 9.47 -2.67
CA ALA C 148 -12.60 9.59 -2.16
C ALA C 148 -11.94 10.87 -2.68
N PHE C 149 -12.19 11.21 -3.95
CA PHE C 149 -11.66 12.46 -4.49
C PHE C 149 -12.24 13.67 -3.77
N LEU C 150 -13.50 13.59 -3.34
CA LEU C 150 -14.09 14.69 -2.59
C LEU C 150 -13.34 14.95 -1.29
N SER C 151 -12.75 13.91 -0.70
CA SER C 151 -11.96 14.10 0.52
C SER C 151 -10.70 14.92 0.23
N ALA C 152 -10.02 14.65 -0.89
CA ALA C 152 -8.87 15.45 -1.26
C ALA C 152 -9.30 16.86 -1.69
N ILE C 153 -10.47 16.98 -2.31
CA ILE C 153 -11.03 18.31 -2.61
C ILE C 153 -11.32 19.06 -1.32
N TRP C 154 -11.69 18.32 -0.26
CA TRP C 154 -12.04 18.95 1.01
C TRP C 154 -10.87 19.75 1.56
N LEU C 155 -9.71 19.10 1.74
CA LEU C 155 -8.53 19.82 2.20
C LEU C 155 -8.18 20.98 1.26
N TRP C 156 -8.32 20.75 -0.05
CA TRP C 156 -7.98 21.78 -1.02
C TRP C 156 -8.94 22.96 -0.95
N MET C 157 -10.24 22.69 -0.80
CA MET C 157 -11.20 23.78 -0.65
C MET C 157 -11.00 24.51 0.67
N VAL C 158 -10.69 23.79 1.73
CA VAL C 158 -10.43 24.42 3.02
C VAL C 158 -9.21 25.33 2.95
N LEU C 159 -8.12 24.86 2.33
CA LEU C 159 -6.90 25.66 2.27
C LEU C 159 -7.11 26.98 1.54
N GLY C 160 -7.67 26.92 0.34
CA GLY C 160 -7.69 28.10 -0.52
C GLY C 160 -9.01 28.84 -0.61
N PHE C 161 -10.12 28.21 -0.21
CA PHE C 161 -11.40 28.85 -0.46
C PHE C 161 -12.27 28.92 0.78
N ILE C 162 -12.47 27.79 1.46
CA ILE C 162 -13.36 27.78 2.62
C ILE C 162 -12.79 28.64 3.75
N ARG C 163 -11.48 28.49 4.03
CA ARG C 163 -10.89 29.25 5.13
C ARG C 163 -10.69 30.72 4.78
N PRO C 164 -10.15 31.11 3.63
CA PRO C 164 -10.04 32.54 3.32
C PRO C 164 -11.35 33.29 3.41
N ILE C 165 -12.47 32.66 3.04
CA ILE C 165 -13.77 33.31 3.17
C ILE C 165 -14.13 33.50 4.63
N LEU C 166 -13.83 32.50 5.47
CA LEU C 166 -14.12 32.61 6.89
C LEU C 166 -13.19 33.62 7.58
N MET C 167 -11.94 33.71 7.13
CA MET C 167 -11.00 34.65 7.74
C MET C 167 -11.32 36.09 7.36
N GLY C 168 -11.92 36.30 6.19
CA GLY C 168 -12.32 37.62 5.75
C GLY C 168 -11.45 38.28 4.71
N SER C 169 -10.59 37.49 4.09
CA SER C 169 -9.73 38.02 3.07
C SER C 169 -9.01 36.91 2.38
N TRP C 170 -8.39 37.20 1.25
CA TRP C 170 -7.62 36.19 0.58
C TRP C 170 -6.16 36.36 0.93
N SER C 171 -5.85 37.30 1.83
CA SER C 171 -4.49 37.56 2.23
C SER C 171 -3.98 36.29 2.79
N GLU C 172 -4.88 35.40 3.16
CA GLU C 172 -4.39 34.13 3.63
C GLU C 172 -4.09 33.26 2.44
N ALA C 173 -4.87 32.21 2.28
CA ALA C 173 -4.73 31.29 1.16
C ALA C 173 -3.36 30.70 0.92
N VAL C 174 -3.13 30.29 -0.29
CA VAL C 174 -1.85 29.73 -0.59
C VAL C 174 -1.28 30.30 -1.84
N PRO C 175 -0.03 30.71 -1.79
CA PRO C 175 0.51 31.25 -3.04
C PRO C 175 1.04 30.14 -3.94
N TYR C 176 0.96 30.39 -5.24
CA TYR C 176 1.40 29.42 -6.24
C TYR C 176 2.90 29.56 -6.45
N GLY C 177 3.66 28.69 -5.79
CA GLY C 177 5.10 28.64 -5.98
C GLY C 177 5.67 27.43 -5.29
N ILE C 178 6.87 27.05 -5.73
CA ILE C 178 7.51 25.84 -5.22
C ILE C 178 8.08 26.10 -3.83
N PHE C 179 9.11 26.94 -3.74
CA PHE C 179 9.71 27.23 -2.45
C PHE C 179 8.82 28.10 -1.57
N SER C 180 7.81 28.76 -2.14
CA SER C 180 6.97 29.67 -1.36
C SER C 180 5.81 28.97 -0.66
N HIS C 181 5.23 27.93 -1.25
CA HIS C 181 4.20 27.19 -0.52
C HIS C 181 4.81 26.29 0.54
N LEU C 182 6.12 26.12 0.52
CA LEU C 182 6.83 25.49 1.63
C LEU C 182 6.99 26.46 2.80
N ASP C 183 7.34 27.72 2.51
CA ASP C 183 7.45 28.73 3.55
C ASP C 183 6.09 29.07 4.15
N TRP C 184 5.03 29.01 3.34
CA TRP C 184 3.68 29.19 3.87
C TRP C 184 3.35 28.14 4.91
N THR C 185 3.61 26.87 4.59
CA THR C 185 3.29 25.78 5.50
C THR C 185 4.06 25.93 6.81
N ASN C 186 5.33 26.34 6.73
CA ASN C 186 6.09 26.66 7.93
C ASN C 186 5.39 27.76 8.74
N ASN C 187 5.03 28.86 8.07
CA ASN C 187 4.47 30.00 8.78
C ASN C 187 3.16 29.66 9.47
N PHE C 188 2.29 28.92 8.78
CA PHE C 188 1.00 28.53 9.36
C PHE C 188 1.18 27.91 10.74
N SER C 189 2.06 26.91 10.84
CA SER C 189 2.31 26.28 12.13
C SER C 189 2.87 27.27 13.14
N LEU C 190 3.75 28.16 12.69
CA LEU C 190 4.36 29.13 13.61
C LEU C 190 3.32 30.07 14.20
N VAL C 191 2.46 30.64 13.34
CA VAL C 191 1.49 31.63 13.80
C VAL C 191 0.46 31.00 14.73
N HIS C 192 0.26 29.71 14.62
CA HIS C 192 -0.76 29.04 15.41
C HIS C 192 -0.27 28.18 16.55
N GLY C 193 1.02 28.29 16.78
CA GLY C 193 1.66 27.69 17.91
C GLY C 193 1.84 26.23 17.98
N ASN C 194 2.45 25.69 16.93
CA ASN C 194 2.79 24.30 16.68
C ASN C 194 1.58 23.48 16.45
N LEU C 195 1.33 23.31 15.17
CA LEU C 195 0.26 22.53 14.66
C LEU C 195 0.36 21.16 15.25
N PHE C 196 1.47 20.82 15.90
CA PHE C 196 1.62 19.53 16.50
C PHE C 196 0.58 19.32 17.56
N TYR C 197 0.25 20.34 18.34
CA TYR C 197 -0.80 20.22 19.31
C TYR C 197 -2.16 20.15 18.64
N ASN C 198 -2.27 20.45 17.36
CA ASN C 198 -3.58 20.35 16.75
C ASN C 198 -3.92 18.91 16.76
N PRO C 199 -4.99 18.52 17.43
CA PRO C 199 -5.29 17.10 17.42
C PRO C 199 -5.61 16.56 16.05
N PHE C 200 -6.16 17.33 15.14
CA PHE C 200 -6.46 16.79 13.82
C PHE C 200 -5.22 16.67 12.96
N HIS C 201 -4.22 17.54 13.17
CA HIS C 201 -2.92 17.33 12.53
C HIS C 201 -2.32 16.00 12.98
N GLY C 202 -2.39 15.72 14.28
CA GLY C 202 -1.86 14.46 14.79
C GLY C 202 -2.61 13.25 14.28
N LEU C 203 -3.92 13.39 14.08
CA LEU C 203 -4.71 12.30 13.51
C LEU C 203 -4.46 12.15 12.01
N SER C 204 -4.11 13.25 11.32
CA SER C 204 -3.83 13.16 9.89
C SER C 204 -2.57 12.34 9.62
N ILE C 205 -1.52 12.52 10.41
CA ILE C 205 -0.30 11.73 10.24
C ILE C 205 -0.60 10.26 10.46
N ALA C 206 -1.24 9.95 11.60
CA ALA C 206 -1.57 8.57 11.94
C ALA C 206 -2.23 7.85 10.77
N PHE C 207 -3.02 8.58 9.98
CA PHE C 207 -3.60 8.02 8.77
C PHE C 207 -2.70 8.15 7.57
N LEU C 208 -1.73 9.07 7.60
CA LEU C 208 -0.80 9.27 6.49
C LEU C 208 0.23 8.14 6.48
O 6DU C 209 1.34 4.26 8.21
C 6DU C 209 0.59 5.32 8.17
CA 6DU C 209 1.35 6.60 8.02
N 6DU C 209 0.36 7.67 7.82
CB 6DU C 209 2.20 6.84 9.29
CG 6DU C 209 2.71 8.26 9.40
CD1 6DU C 209 2.79 8.94 10.61
CD2 6DU C 209 3.01 8.98 8.24
BR 6DU C 209 2.63 8.01 12.25
CE1 6DU C 209 3.13 10.29 10.68
CE2 6DU C 209 3.35 10.33 8.30
CZ 6DU C 209 3.41 10.97 9.51
N GLY C 210 -0.71 5.02 8.68
CA GLY C 210 -1.57 4.01 8.08
C GLY C 210 -1.25 3.72 6.63
N SER C 211 -1.66 4.63 5.75
CA SER C 211 -1.52 4.48 4.29
C SER C 211 -0.16 3.91 3.89
N ALA C 212 0.90 4.36 4.55
CA ALA C 212 2.23 3.82 4.28
C ALA C 212 2.34 2.38 4.78
N LEU C 213 1.88 2.13 6.01
CA LEU C 213 1.89 0.78 6.56
C LEU C 213 0.95 -0.15 5.81
N LEU C 214 -0.30 0.27 5.61
CA LEU C 214 -1.31 -0.61 5.01
C LEU C 214 -0.93 -1.02 3.59
N PHE C 215 -0.57 -0.05 2.76
CA PHE C 215 -0.31 -0.33 1.36
C PHE C 215 1.06 -0.98 1.14
N ALA C 216 1.99 -0.80 2.08
CA ALA C 216 3.22 -1.59 2.08
C ALA C 216 2.91 -3.05 2.38
N MET C 217 2.00 -3.30 3.31
CA MET C 217 1.69 -4.66 3.72
C MET C 217 0.77 -5.35 2.74
N HIS C 218 -0.21 -4.62 2.18
CA HIS C 218 -1.14 -5.23 1.25
C HIS C 218 -0.48 -5.57 -0.08
N GLY C 219 0.34 -4.65 -0.61
CA GLY C 219 1.05 -4.95 -1.83
C GLY C 219 2.00 -6.13 -1.69
N ALA C 220 2.68 -6.21 -0.54
CA ALA C 220 3.56 -7.36 -0.28
C ALA C 220 2.76 -8.65 -0.15
N THR C 221 1.53 -8.58 0.34
CA THR C 221 0.70 -9.78 0.46
C THR C 221 0.38 -10.36 -0.90
N ILE C 222 -0.22 -9.55 -1.77
CA ILE C 222 -0.66 -10.03 -3.08
C ILE C 222 0.53 -10.57 -3.88
N LEU C 223 1.70 -9.92 -3.76
CA LEU C 223 2.89 -10.46 -4.40
C LEU C 223 3.33 -11.77 -3.75
N ALA C 224 3.20 -11.86 -2.42
CA ALA C 224 3.57 -13.10 -1.73
C ALA C 224 2.67 -14.26 -2.13
N VAL C 225 1.39 -13.99 -2.41
CA VAL C 225 0.46 -15.02 -2.86
C VAL C 225 0.04 -14.79 -4.32
N SER C 226 0.83 -14.05 -5.09
CA SER C 226 0.65 -14.07 -6.54
C SER C 226 0.88 -15.46 -7.10
N ARG C 227 1.70 -16.26 -6.41
CA ARG C 227 1.97 -17.63 -6.81
C ARG C 227 0.72 -18.50 -6.83
N PHE C 228 -0.36 -18.06 -6.18
CA PHE C 228 -1.66 -18.70 -6.31
C PHE C 228 -2.64 -17.85 -7.10
N GLY C 229 -2.15 -16.86 -7.83
CA GLY C 229 -3.02 -15.99 -8.59
C GLY C 229 -3.88 -15.08 -7.73
N GLY C 230 -3.30 -14.53 -6.66
CA GLY C 230 -4.03 -13.64 -5.79
C GLY C 230 -4.23 -12.24 -6.32
N GLU C 231 -3.56 -11.88 -7.42
CA GLU C 231 -3.74 -10.55 -7.98
C GLU C 231 -5.15 -10.34 -8.49
N ARG C 232 -5.81 -11.41 -8.95
CA ARG C 232 -7.19 -11.37 -9.43
C ARG C 232 -8.11 -11.25 -8.23
N GLU C 233 -8.28 -10.02 -7.75
CA GLU C 233 -8.85 -9.83 -6.42
C GLU C 233 -10.37 -9.90 -6.40
N LEU C 234 -11.04 -9.86 -7.55
CA LEU C 234 -12.49 -9.88 -7.57
C LEU C 234 -13.04 -11.30 -7.57
N GLU C 235 -12.47 -12.19 -8.38
CA GLU C 235 -12.91 -13.57 -8.40
C GLU C 235 -12.62 -14.26 -7.07
N GLN C 236 -11.64 -13.78 -6.32
CA GLN C 236 -11.40 -14.31 -4.98
C GLN C 236 -12.46 -13.84 -4.00
N ILE C 237 -13.03 -12.66 -4.24
CA ILE C 237 -14.19 -12.23 -3.47
C ILE C 237 -15.39 -13.12 -3.78
N ALA C 238 -15.67 -13.32 -5.07
CA ALA C 238 -16.85 -14.06 -5.47
C ALA C 238 -16.68 -15.57 -5.28
N ASP C 239 -15.45 -16.04 -5.10
CA ASP C 239 -15.18 -17.45 -4.92
C ASP C 239 -13.79 -17.64 -4.31
N ARG C 240 -13.74 -17.72 -2.98
CA ARG C 240 -12.47 -17.67 -2.26
C ARG C 240 -11.58 -18.85 -2.62
N GLY C 241 -10.35 -18.55 -3.03
CA GLY C 241 -9.32 -19.55 -3.23
C GLY C 241 -8.31 -19.54 -2.10
N THR C 242 -7.27 -20.37 -2.25
CA THR C 242 -6.27 -20.45 -1.20
C THR C 242 -5.48 -19.16 -1.10
N ALA C 243 -5.31 -18.44 -2.21
CA ALA C 243 -4.59 -17.18 -2.19
C ALA C 243 -5.20 -16.21 -1.18
N ALA C 244 -6.53 -16.23 -1.03
CA ALA C 244 -7.19 -15.43 -0.02
C ALA C 244 -7.26 -16.14 1.33
N GLU C 245 -7.22 -17.47 1.34
CA GLU C 245 -7.24 -18.20 2.60
C GLU C 245 -5.92 -18.04 3.34
N ARG C 246 -4.80 -18.18 2.61
CA ARG C 246 -3.49 -17.92 3.21
C ARG C 246 -3.34 -16.47 3.60
N ALA C 247 -3.96 -15.55 2.84
CA ALA C 247 -3.87 -14.13 3.16
C ALA C 247 -4.52 -13.82 4.49
N ALA C 248 -5.72 -14.36 4.72
CA ALA C 248 -6.41 -14.10 5.98
C ALA C 248 -5.67 -14.72 7.17
N LEU C 249 -5.05 -15.88 6.95
CA LEU C 249 -4.42 -16.58 8.07
C LEU C 249 -3.13 -15.92 8.51
N PHE C 250 -2.28 -15.50 7.56
CA PHE C 250 -1.04 -14.86 7.93
C PHE C 250 -1.30 -13.62 8.78
N VAL C 251 -2.34 -12.85 8.42
CA VAL C 251 -2.72 -11.70 9.23
C VAL C 251 -3.24 -12.16 10.58
N ARG C 252 -3.99 -13.28 10.59
CA ARG C 252 -4.51 -13.80 11.85
C ARG C 252 -3.40 -14.39 12.72
N TRP C 253 -2.53 -15.21 12.13
CA TRP C 253 -1.47 -15.85 12.91
C TRP C 253 -0.44 -14.86 13.43
N THR C 254 -0.31 -13.68 12.81
CA THR C 254 0.72 -12.75 13.23
C THR C 254 0.23 -11.74 14.25
N MET C 255 -1.02 -11.26 14.13
CA MET C 255 -1.50 -10.24 15.04
C MET C 255 -2.92 -10.50 15.53
N GLY C 256 -3.50 -11.65 15.26
CA GLY C 256 -4.78 -12.01 15.86
C GLY C 256 -6.07 -11.65 15.13
N PHE C 257 -6.19 -10.41 14.69
CA PHE C 257 -7.42 -9.97 14.06
C PHE C 257 -7.33 -10.18 12.54
N ASN C 258 -8.47 -10.53 11.95
CA ASN C 258 -8.56 -11.12 10.63
C ASN C 258 -9.05 -10.14 9.59
N ALA C 259 -8.84 -10.50 8.33
CA ALA C 259 -9.23 -9.67 7.19
C ALA C 259 -9.63 -10.55 6.03
N THR C 260 -10.64 -10.12 5.27
CA THR C 260 -11.06 -10.82 4.06
C THR C 260 -10.53 -10.08 2.83
N MET C 261 -10.94 -10.51 1.64
CA MET C 261 -10.43 -9.92 0.41
C MET C 261 -11.08 -8.57 0.13
N GLU C 262 -12.41 -8.53 0.02
CA GLU C 262 -13.10 -7.25 -0.06
C GLU C 262 -12.92 -6.45 1.22
N GLY C 263 -12.76 -7.14 2.36
CA GLY C 263 -12.67 -6.44 3.62
C GLY C 263 -11.45 -5.55 3.73
N ILE C 264 -10.30 -6.03 3.26
CA ILE C 264 -9.06 -5.27 3.41
C ILE C 264 -9.09 -4.00 2.58
N HIS C 265 -9.90 -3.94 1.53
CA HIS C 265 -10.03 -2.72 0.75
C HIS C 265 -10.94 -1.71 1.44
N ARG C 266 -11.81 -2.21 2.30
CA ARG C 266 -12.68 -1.35 3.06
C ARG C 266 -11.76 -0.63 4.02
N TRP C 267 -10.84 -1.36 4.63
CA TRP C 267 -9.78 -0.75 5.44
C TRP C 267 -9.00 0.28 4.64
N ALA C 268 -8.73 -0.01 3.37
CA ALA C 268 -7.79 0.77 2.59
C ALA C 268 -8.36 2.13 2.21
N ILE C 269 -9.61 2.15 1.73
CA ILE C 269 -10.17 3.41 1.24
C ILE C 269 -10.36 4.39 2.38
N TRP C 270 -10.69 3.91 3.58
CA TRP C 270 -10.87 4.82 4.71
C TRP C 270 -9.55 5.32 5.25
N MET C 271 -8.57 4.43 5.41
CA MET C 271 -7.26 4.83 5.92
C MET C 271 -6.63 5.94 5.08
N ALA C 272 -7.06 6.07 3.82
CA ALA C 272 -6.57 7.13 2.95
C ALA C 272 -7.42 8.40 3.08
N VAL C 273 -8.73 8.29 2.85
CA VAL C 273 -9.59 9.47 2.86
C VAL C 273 -9.57 10.17 4.22
N LEU C 274 -9.27 9.42 5.29
CA LEU C 274 -9.22 10.02 6.61
C LEU C 274 -8.06 10.98 6.78
N VAL C 275 -7.03 10.88 5.94
CA VAL C 275 -5.90 11.81 6.01
C VAL C 275 -6.37 13.24 5.80
N THR C 276 -7.01 13.49 4.66
CA THR C 276 -7.47 14.83 4.33
C THR C 276 -8.80 15.19 4.98
N LEU C 277 -9.61 14.19 5.37
CA LEU C 277 -10.83 14.48 6.13
C LEU C 277 -10.50 15.17 7.44
N THR C 278 -9.68 14.53 8.28
CA THR C 278 -9.25 15.15 9.52
C THR C 278 -8.37 16.37 9.26
N GLY C 279 -7.59 16.33 8.18
CA GLY C 279 -6.74 17.47 7.87
C GLY C 279 -7.52 18.74 7.62
N GLY C 280 -8.53 18.67 6.75
CA GLY C 280 -9.33 19.86 6.47
C GLY C 280 -10.00 20.42 7.70
N ILE C 281 -10.44 19.53 8.61
CA ILE C 281 -11.07 19.99 9.83
C ILE C 281 -10.07 20.73 10.71
N GLY C 282 -8.85 20.20 10.84
CA GLY C 282 -7.85 20.84 11.66
C GLY C 282 -7.31 22.12 11.08
N ILE C 283 -7.33 22.25 9.75
CA ILE C 283 -6.91 23.50 9.13
C ILE C 283 -8.06 24.50 9.11
N LEU C 284 -9.29 24.03 8.96
CA LEU C 284 -10.44 24.94 8.98
C LEU C 284 -10.63 25.56 10.36
N LEU C 285 -10.53 24.75 11.42
CA LEU C 285 -10.65 25.30 12.77
C LEU C 285 -9.46 26.17 13.14
N SER C 286 -8.30 25.94 12.52
CA SER C 286 -7.11 26.71 12.83
C SER C 286 -7.30 28.15 12.36
N GLY C 287 -7.22 29.10 13.30
CA GLY C 287 -7.38 30.50 13.01
C GLY C 287 -8.80 31.00 13.08
N THR C 288 -9.78 30.16 12.72
CA THR C 288 -11.18 30.55 12.80
C THR C 288 -11.69 30.42 14.24
N VAL C 289 -11.44 29.29 14.87
CA VAL C 289 -11.88 29.02 16.23
C VAL C 289 -10.72 29.01 17.21
N VAL C 290 -9.62 28.35 16.85
CA VAL C 290 -8.45 28.22 17.71
C VAL C 290 -7.36 29.13 17.15
N ASP C 291 -6.87 30.05 18.00
CA ASP C 291 -5.79 30.95 17.63
C ASP C 291 -4.41 30.36 17.89
N ASN C 292 -4.31 29.39 18.81
CA ASN C 292 -3.01 28.90 19.27
C ASN C 292 -3.25 27.52 19.86
N TRP C 293 -2.92 26.48 19.09
CA TRP C 293 -3.20 25.10 19.54
C TRP C 293 -2.44 24.76 20.81
N TYR C 294 -1.38 25.47 21.08
CA TYR C 294 -0.67 25.21 22.29
C TYR C 294 -1.59 25.54 23.41
N VAL C 295 -2.05 26.77 23.48
CA VAL C 295 -2.90 27.18 24.60
C VAL C 295 -4.14 26.30 24.68
N TRP C 296 -4.68 25.91 23.53
CA TRP C 296 -5.81 24.99 23.51
C TRP C 296 -5.48 23.69 24.21
N GLY C 297 -4.26 23.17 23.99
CA GLY C 297 -3.84 21.97 24.69
C GLY C 297 -3.72 22.15 26.18
N GLN C 298 -3.51 23.38 26.64
CA GLN C 298 -3.42 23.65 28.07
C GLN C 298 -4.78 23.69 28.76
N ASN C 299 -5.84 23.99 28.02
CA ASN C 299 -7.18 24.08 28.59
C ASN C 299 -8.15 23.05 28.05
N HIS C 300 -7.89 22.43 26.90
CA HIS C 300 -8.81 21.49 26.26
C HIS C 300 -10.18 22.13 26.03
N GLY C 301 -10.18 23.39 25.62
CA GLY C 301 -11.42 24.10 25.36
C GLY C 301 -11.43 25.50 25.93
N1 LDA D . -4.20 12.52 19.41
O1 LDA D . -5.27 12.55 18.77
CM1 LDA D . -3.15 13.25 18.69
CM2 LDA D . -4.42 13.16 20.72
C1 LDA D . -3.81 11.13 19.63
C2 LDA D . -3.71 10.51 18.24
C3 LDA D . -4.16 9.06 18.28
C4 LDA D . -3.67 8.26 17.07
C5 LDA D . -4.60 7.08 16.82
C6 LDA D . -4.07 6.18 15.71
C7 LDA D . -4.70 4.81 15.80
C8 LDA D . -5.91 4.71 14.86
C9 LDA D . -5.50 4.04 13.55
C10 LDA D . -6.47 2.92 13.21
C11 LDA D . -7.88 3.46 13.10
C12 LDA D . -8.31 3.60 11.65
MG BCL E . 5.77 9.16 16.54
CHA BCL E . 2.52 10.32 16.17
CHB BCL E . 4.50 6.41 18.05
CHC BCL E . 8.65 7.50 15.84
CHD BCL E . 6.86 11.75 14.49
NA BCL E . 3.76 8.48 17.01
C1A BCL E . 2.55 9.13 16.81
C2A BCL E . 1.41 8.28 17.29
C3A BCL E . 2.12 7.29 18.23
C4A BCL E . 3.52 7.31 17.72
CMA BCL E . 2.06 7.72 19.68
CAA BCL E . 0.60 7.58 16.17
CBA BCL E . 1.37 6.56 15.30
CGA BCL E . 0.52 5.85 14.29
O1A BCL E . -0.63 5.67 14.39
O2A BCL E . 1.20 5.41 13.24
NB BCL E . 6.48 7.25 16.88
C1B BCL E . 5.79 6.24 17.54
C2B BCL E . 6.58 5.08 17.61
C3B BCL E . 7.82 5.35 17.00
C4B BCL E . 7.70 6.73 16.52
CMB BCL E . 6.10 3.79 18.26
CAB BCL E . 8.96 4.45 16.92
OBB BCL E . 9.14 3.51 17.73
CBB BCL E . 10.01 4.58 15.84
NC BCL E . 7.51 9.59 15.37
C1C BCL E . 8.55 8.73 15.18
C2C BCL E . 9.70 9.38 14.49
C3C BCL E . 9.03 10.57 13.80
C4C BCL E . 7.71 10.67 14.54
CMC BCL E . 10.81 9.79 15.45
CAC BCL E . 8.92 10.40 12.27
CBC BCL E . 8.52 9.01 11.83
ND BCL E . 4.91 10.66 15.45
C1D BCL E . 5.48 11.77 14.81
C2D BCL E . 4.54 12.79 14.60
C3D BCL E . 3.33 12.29 15.10
C4D BCL E . 3.60 11.02 15.60
CMD BCL E . 4.84 14.12 13.98
CAD BCL E . 1.92 12.43 15.11
OBD BCL E . 1.18 13.31 14.62
CBD BCL E . 1.32 11.23 15.89
CGD BCL E . 0.56 11.69 17.07
O1D BCL E . -0.65 11.82 17.12
O2D BCL E . 1.32 11.96 18.12
CED BCL E . 0.66 12.42 19.34
C1 BCL E . 0.45 4.70 12.19
C2 BCL E . 0.36 3.25 12.66
C3 BCL E . -0.79 2.62 12.80
C4 BCL E . -2.16 3.21 12.50
C5 BCL E . -0.83 1.16 13.28
C6 BCL E . -1.15 1.00 14.76
C7 BCL E . -0.08 1.67 15.63
C8 BCL E . -0.44 1.98 17.08
C9 BCL E . -1.59 2.99 17.17
C10 BCL E . 0.81 2.55 17.76
C11 BCL E . 0.69 2.83 19.24
C12 BCL E . 2.03 3.27 19.82
C13 BCL E . 2.07 3.24 21.34
C14 BCL E . 1.72 4.59 21.98
C15 BCL E . 3.51 2.89 21.68
C16 BCL E . 3.49 2.02 22.91
C17 BCL E . 4.81 1.42 23.34
C18 BCL E . 4.57 0.36 24.38
C19 BCL E . 5.98 0.01 24.86
C20 BCL E . 3.82 -0.90 23.88
MG BCL F . 9.66 16.15 8.27
CHA BCL F . 10.92 13.07 9.20
CHB BCL F . 7.15 14.51 6.63
CHC BCL F . 8.02 19.07 7.94
CHD BCL F . 11.51 17.62 10.85
NA BCL F . 9.10 14.07 8.02
C1A BCL F . 9.88 12.94 8.31
C2A BCL F . 9.39 11.72 7.61
C3A BCL F . 8.50 12.33 6.52
C4A BCL F . 8.13 13.66 7.12
CMA BCL F . 9.26 12.51 5.20
CAA BCL F . 8.61 10.78 8.54
CBA BCL F . 8.39 9.34 8.06
CGA BCL F . 9.45 8.44 8.61
O1A BCL F . 10.56 8.78 8.82
O2A BCL F . 9.05 7.20 8.88
NB BCL F . 7.85 16.72 7.44
C1B BCL F . 6.93 15.89 6.80
C2B BCL F . 5.81 16.65 6.36
C3B BCL F . 6.10 18.00 6.65
C4B BCL F . 7.34 17.98 7.40
CMB BCL F . 4.58 16.03 5.71
CAB BCL F . 5.43 19.26 6.31
OBB BCL F . 6.09 20.32 6.09
CBB BCL F . 3.93 19.38 6.21
NC BCL F . 9.80 18.08 9.21
C1C BCL F . 8.93 19.11 8.98
C2C BCL F . 9.26 20.34 9.74
C3C BCL F . 10.17 19.79 10.85
C4C BCL F . 10.54 18.42 10.32
CMC BCL F . 9.90 21.40 8.86
CAC BCL F . 9.48 19.76 12.23
CBC BCL F . 9.12 21.14 12.73
ND BCL F . 10.99 15.54 9.69
C1D BCL F . 11.60 16.21 10.76
C2D BCL F . 12.24 15.30 11.63
C3D BCL F . 12.03 14.04 11.07
C4D BCL F . 11.27 14.23 9.92
CMD BCL F . 12.97 15.69 12.89
CAD BCL F . 12.44 12.69 11.07
OBD BCL F . 13.25 12.07 11.80
CBD BCL F . 11.68 11.95 9.93
CGD BCL F . 12.62 11.22 9.08
O1D BCL F . 13.04 11.65 8.03
O2D BCL F . 12.99 10.02 9.53
CED BCL F . 13.93 9.30 8.68
C1 BCL F . 10.10 6.35 9.43
C2 BCL F . 9.39 5.19 10.09
C3 BCL F . 9.58 4.82 11.34
C4 BCL F . 10.53 5.46 12.32
C5 BCL F . 8.79 3.63 11.91
C6 BCL F . 9.53 2.70 12.87
C7 BCL F . 8.58 1.66 13.46
C8 BCL F . 9.22 0.58 14.34
C9 BCL F . 10.19 -0.29 13.50
C10 BCL F . 8.14 -0.30 14.99
C11 BCL F . 7.40 0.33 16.15
C12 BCL F . 6.43 -0.65 16.84
C13 BCL F . 5.84 -0.12 18.15
C14 BCL F . 6.63 -0.55 19.38
C15 BCL F . 4.42 -0.70 18.28
C16 BCL F . 3.69 -0.36 19.58
C17 BCL F . 2.24 -0.85 19.66
C18 BCL F . 2.06 -2.35 19.46
C19 BCL F . 0.57 -2.61 19.74
C20 BCL F . 2.92 -3.22 20.37
CL CL G . 14.33 1.27 -2.56
MG BCL H . 1.92 18.88 8.98
CHA BCL H . -0.59 19.26 6.64
CHB BCL H . 2.06 15.58 8.12
CHC BCL H . 4.84 18.59 10.64
CHD BCL H . 2.34 22.35 9.02
NA BCL H . 0.87 17.62 7.53
C1A BCL H . -0.19 17.95 6.72
C2A BCL H . -0.94 16.73 6.25
C3A BCL H . -0.01 15.58 6.67
C4A BCL H . 1.08 16.25 7.43
CMA BCL H . -0.73 14.56 7.54
CAA BCL H . -1.22 16.74 4.74
CBA BCL H . -2.00 15.58 4.13
CGA BCL H . -1.81 15.67 2.66
O1A BCL H . -1.38 14.84 1.96
O2A BCL H . -2.15 16.85 2.19
NB BCL H . 3.24 17.33 9.36
C1B BCL H . 3.16 16.04 8.83
C2B BCL H . 4.33 15.32 9.12
C3B BCL H . 5.16 16.13 9.90
C4B BCL H . 4.44 17.41 9.99
CMB BCL H . 4.57 13.91 8.63
CAB BCL H . 6.44 15.73 10.51
OBB BCL H . 6.75 14.53 10.69
CBB BCL H . 7.47 16.72 10.96
NC BCL H . 3.36 20.27 9.73
C1C BCL H . 4.51 19.91 10.37
C2C BCL H . 5.19 21.07 11.01
C3C BCL H . 4.58 22.25 10.26
C4C BCL H . 3.36 21.64 9.61
CMC BCL H . 4.98 21.09 12.52
CAC BCL H . 5.55 22.91 9.25
CBC BCL H . 6.89 23.25 9.87
ND BCL H . 1.14 20.49 8.00
C1D BCL H . 1.29 21.86 8.21
C2D BCL H . 0.29 22.59 7.49
C3D BCL H . -0.48 21.62 6.86
C4D BCL H . 0.06 20.38 7.18
CMD BCL H . 0.16 24.09 7.48
CAD BCL H . -1.71 21.35 6.19
OBD BCL H . -2.52 22.12 5.63
CBD BCL H . -1.96 19.81 6.26
CGD BCL H . -3.02 19.50 7.22
O1D BCL H . -3.67 18.47 7.26
O2D BCL H . -3.21 20.47 8.11
CED BCL H . -4.25 20.28 9.10
C1 BCL H . -1.92 17.03 0.77
C2 BCL H . -3.23 16.84 0.00
C3 BCL H . -3.77 17.88 -0.60
C4 BCL H . -3.20 19.29 -0.59
C5 BCL H . -5.07 17.76 -1.40
C6 BCL H . -4.92 18.24 -2.85
C7 BCL H . -6.17 18.02 -3.72
C8 BCL H . -6.16 18.79 -5.05
C9 BCL H . -7.50 18.59 -5.79
C10 BCL H . -5.00 18.35 -5.96
C11 BCL H . -4.94 19.23 -7.21
C12 BCL H . -3.76 18.93 -8.15
C13 BCL H . -3.51 20.03 -9.21
C14 BCL H . -4.69 20.18 -10.18
C15 BCL H . -2.25 19.70 -10.02
C16 BCL H . -2.31 18.76 -11.22
C17 BCL H . -0.95 18.18 -11.67
C18 BCL H . -0.89 17.33 -12.94
C19 BCL H . -2.32 16.87 -13.29
C20 BCL H . 0.05 16.12 -12.81
N1 LDA I . 14.80 -7.14 -16.63
O1 LDA I . 14.33 -8.30 -16.77
CM1 LDA I . 15.45 -7.07 -15.31
CM2 LDA I . 15.82 -6.91 -17.67
C1 LDA I . 13.73 -6.17 -16.80
C2 LDA I . 13.86 -5.06 -15.76
C3 LDA I . 13.06 -3.82 -16.15
C4 LDA I . 13.45 -2.64 -15.28
C5 LDA I . 12.97 -1.32 -15.85
C6 LDA I . 11.45 -1.20 -15.73
C7 LDA I . 11.07 0.15 -15.12
C8 LDA I . 9.62 0.17 -14.66
C9 LDA I . 9.06 1.58 -14.77
C10 LDA I . 8.59 2.10 -13.42
C11 LDA I . 7.10 2.38 -13.42
C12 LDA I . 6.79 3.70 -12.71
N1 LDA J . -3.46 9.61 -29.34
O1 LDA J . -3.80 9.01 -30.38
CM1 LDA J . -2.01 9.90 -29.43
CM2 LDA J . -4.20 10.88 -29.25
C1 LDA J . -3.80 8.78 -28.20
C2 LDA J . -2.77 8.98 -27.09
C3 LDA J . -3.24 8.36 -25.78
C4 LDA J . -3.04 9.33 -24.62
C5 LDA J . -2.40 8.64 -23.41
C6 LDA J . -2.18 9.57 -22.22
C7 LDA J . -3.15 10.74 -22.20
C8 LDA J . -2.78 11.72 -21.08
C9 LDA J . -3.71 12.93 -21.08
C10 LDA J . -3.47 13.79 -19.84
C11 LDA J . -4.37 13.35 -18.68
C12 LDA J . -3.97 14.04 -17.38
FE FE K . -5.60 -5.15 -3.58
O1D BPH L . -7.93 11.54 -11.47
CGD BPH L . -7.50 11.33 -10.36
O2D BPH L . -6.51 10.48 -10.13
CED BPH L . -5.95 9.80 -11.29
CBD BPH L . -8.01 11.99 -9.13
CHA BPH L . -6.93 12.59 -8.23
C4D BPH L . -7.18 12.01 -6.97
C3D BPH L . -8.13 10.99 -6.93
CAD BPH L . -8.75 10.97 -8.21
OBD BPH L . -9.72 10.30 -8.64
C2D BPH L . -8.24 10.59 -5.59
CMD BPH L . -9.11 9.51 -4.98
C1D BPH L . -7.32 11.40 -4.89
ND BPH L . -6.66 12.29 -5.74
CHD BPH L . -7.00 11.39 -3.50
C4C BPH L . -5.87 11.90 -2.90
C3C BPH L . -5.33 11.45 -1.56
CAC BPH L . -6.48 11.30 -0.54
CBC BPH L . -6.01 11.02 0.85
C2C BPH L . -4.28 12.52 -1.24
CMC BPH L . -2.95 11.98 -0.70
C1C BPH L . -4.12 13.22 -2.54
NC BPH L . -5.17 12.99 -3.39
CHC BPH L . -3.20 14.26 -2.77
C4B BPH L . -2.80 14.88 -3.97
C3B BPH L . -1.65 15.75 -4.17
CAB BPH L . -0.67 16.14 -3.18
CBB BPH L . -0.71 17.50 -2.54
OBB BPH L . 0.25 15.38 -2.83
C2B BPH L . -1.70 16.12 -5.52
CMB BPH L . -0.81 17.08 -6.27
C1B BPH L . -2.77 15.42 -6.11
NB BPH L . -3.46 14.67 -5.15
CHB BPH L . -3.17 15.47 -7.46
C4A BPH L . -4.19 14.83 -8.15
C3A BPH L . -4.31 14.80 -9.63
CMA BPH L . -3.24 13.94 -10.28
C2A BPH L . -5.73 14.24 -9.83
C1A BPH L . -5.95 13.51 -8.54
NA BPH L . -5.06 13.94 -7.57
CAA BPH L . -6.76 15.34 -10.12
CBA BPH L . -6.33 16.14 -11.35
CGA BPH L . -7.23 17.26 -11.77
O1A BPH L . -8.25 17.55 -11.26
O2A BPH L . -6.73 17.91 -12.79
C1 BPH L . -7.49 19.04 -13.34
C2 BPH L . -6.47 19.82 -14.17
C3 BPH L . -5.76 19.38 -15.19
C4 BPH L . -5.78 17.96 -15.76
C5 BPH L . -4.78 20.31 -15.91
C6 BPH L . -3.29 20.09 -15.68
C7 BPH L . -2.45 21.16 -16.35
C8 BPH L . -0.94 20.95 -16.35
C9 BPH L . -0.54 19.85 -17.37
C10 BPH L . -0.44 20.59 -14.94
CM1 SPO M . 7.61 28.27 -19.97
O1 SPO M . 6.51 27.41 -19.62
C1 SPO M . 5.20 28.02 -19.53
C2 SPO M . 4.63 28.16 -20.92
C3 SPO M . 5.31 29.37 -18.85
C4 SPO M . 4.30 27.11 -18.69
C5 SPO M . 4.88 26.95 -17.32
C6 SPO M . 4.29 27.34 -16.21
C7 SPO M . 4.81 27.21 -14.85
C8 SPO M . 6.25 27.54 -14.62
C9 SPO M . 3.97 26.79 -13.88
C10 SPO M . 4.26 26.59 -12.50
C11 SPO M . 3.30 26.35 -11.58
C12 SPO M . 3.46 26.12 -10.17
C13 SPO M . 4.83 26.29 -9.57
C14 SPO M . 2.38 25.74 -9.44
C15 SPO M . 2.34 25.43 -8.04
C16 SPO M . 1.20 25.32 -7.33
C17 SPO M . 1.10 24.98 -5.92
C18 SPO M . 2.34 24.46 -5.24
C19 SPO M . -0.08 25.15 -5.27
C20 SPO M . -0.35 24.86 -3.90
C21 SPO M . -1.55 24.99 -3.27
C22 SPO M . -2.76 25.53 -3.84
C23 SPO M . -3.94 25.76 -3.18
C24 SPO M . -4.14 25.47 -1.73
C25 SPO M . -5.05 26.31 -3.92
C26 SPO M . -6.20 26.74 -3.39
C27 SPO M . -7.29 27.28 -4.15
C28 SPO M . -8.15 26.62 -4.92
C29 SPO M . -8.09 25.13 -5.12
C30 SPO M . -9.27 27.32 -5.65
C31 SPO M . -10.10 28.18 -4.68
C32 SPO M . -10.21 29.60 -5.15
C33 SPO M . -11.09 30.52 -4.77
C34 SPO M . -12.16 30.26 -3.74
C35 SPO M . -11.07 31.91 -5.34
C36 SPO M . -11.74 31.97 -6.73
C37 SPO M . -13.23 31.79 -6.62
C38 SPO M . -14.15 31.96 -7.56
C39 SPO M . -13.81 32.37 -8.96
C40 SPO M . -15.61 31.74 -7.32
C1 CDL N . -22.94 0.69 -3.00
O1 CDL N . -24.07 -0.11 -3.33
CA2 CDL N . -21.81 -0.17 -2.43
OA2 CDL N . -21.07 0.52 -1.47
PA1 CDL N . -20.79 -0.11 0.04
OA3 CDL N . -19.46 -0.59 0.08
OA4 CDL N . -21.95 -0.83 0.39
OA5 CDL N . -20.80 1.33 0.94
CA3 CDL N . -21.95 1.78 1.55
CA4 CDL N . -21.72 2.55 2.88
OA6 CDL N . -20.74 1.83 3.63
CA5 CDL N . -19.89 2.45 4.50
OA7 CDL N . -18.78 2.81 4.08
C11 CDL N . -20.48 2.60 5.88
C12 CDL N . -19.70 3.55 6.76
C13 CDL N . -20.25 3.55 8.18
C14 CDL N . -19.51 4.53 9.06
C15 CDL N . -20.40 5.03 10.19
C16 CDL N . -19.71 4.93 11.53
C17 CDL N . -20.11 6.04 12.47
C18 CDL N . -21.55 5.90 12.92
C19 CDL N . -21.88 6.85 14.05
C20 CDL N . -21.53 6.28 15.40
CA6 CDL N . -21.28 4.00 2.63
OA8 CDL N . -21.59 4.75 3.82
CA7 CDL N . -21.43 6.10 3.80
OA9 CDL N . -21.95 6.76 2.89
C31 CDL N . -20.60 6.63 4.93
C32 CDL N . -20.86 8.09 5.18
C33 CDL N . -19.58 8.90 5.17
C34 CDL N . -19.77 10.25 5.83
C35 CDL N . -18.45 10.85 6.25
C36 CDL N . -18.66 11.99 7.23
C37 CDL N . -17.34 12.52 7.77
C38 CDL N . -17.42 12.75 9.27
C39 CDL N . -16.54 13.90 9.71
C40 CDL N . -16.16 13.78 11.17
C41 CDL N . -17.38 13.62 12.06
C42 CDL N . -18.02 14.95 12.36
C43 CDL N . -17.10 15.83 13.19
CB2 CDL N . -22.50 1.48 -4.26
OB2 CDL N . -23.18 2.68 -4.35
PB2 CDL N . -22.41 4.12 -4.49
OB3 CDL N . -21.15 3.91 -5.08
OB4 CDL N . -23.35 5.10 -4.85
OB5 CDL N . -22.08 4.39 -2.85
CB3 CDL N . -20.90 4.96 -2.44
CB4 CDL N . -20.79 4.90 -0.90
OB6 CDL N . -20.81 6.26 -0.42
CB5 CDL N . -22.03 6.80 -0.07
OB7 CDL N . -22.94 6.03 0.26
C51 CDL N . -22.04 8.29 -0.16
C52 CDL N . -21.03 8.94 0.76
C53 CDL N . -20.47 10.19 0.12
C54 CDL N . -20.35 11.33 1.09
C55 CDL N . -19.68 12.53 0.46
CB6 CDL N . -19.46 4.26 -0.48
OB8 CDL N . -18.54 5.31 -0.13
CB7 CDL N . -17.39 4.96 0.53
OB9 CDL N . -17.30 3.83 1.02
C71 CDL N . -16.39 6.07 0.56
C72 CDL N . -16.53 6.94 1.79
C73 CDL N . -15.66 8.18 1.70
C74 CDL N . -16.47 9.43 1.98
C75 CDL N . -15.60 10.67 2.03
C76 CDL N . -16.45 11.92 2.13
C77 CDL N . -15.61 13.18 2.17
C78 CDL N . -16.47 14.40 2.44
C79 CDL N . -15.64 15.60 2.85
O1D BPH O . 2.85 -6.90 12.31
CGD BPH O . 2.95 -6.00 11.50
O2D BPH O . 1.89 -5.39 11.01
CED BPH O . 0.60 -5.87 11.47
CBD BPH O . 4.22 -5.47 10.98
CHA BPH O . 4.43 -3.95 11.16
C4D BPH O . 4.68 -3.50 9.85
C3D BPH O . 4.62 -4.45 8.83
CAD BPH O . 4.31 -5.69 9.44
OBD BPH O . 4.13 -6.80 8.93
C2D BPH O . 4.89 -3.79 7.63
CMD BPH O . 4.95 -4.36 6.23
C1D BPH O . 5.11 -2.45 8.00
ND BPH O . 4.98 -2.25 9.37
CHD BPH O . 5.42 -1.33 7.17
C4C BPH O . 5.62 -0.01 7.54
C3C BPH O . 5.79 1.13 6.57
CAC BPH O . 6.75 0.83 5.39
CBC BPH O . 8.13 0.37 5.81
C2C BPH O . 6.26 2.24 7.52
CMC BPH O . 5.77 3.64 7.16
C1C BPH O . 5.69 1.79 8.81
NC BPH O . 5.35 0.47 8.80
CHC BPH O . 5.53 2.62 9.94
C4B BPH O . 5.09 2.35 11.24
C3B BPH O . 4.92 3.29 12.35
CAB BPH O . 5.14 4.74 12.35
CBB BPH O . 4.88 5.58 11.12
OBB BPH O . 5.55 5.35 13.35
C2B BPH O . 4.48 2.52 13.43
CMB BPH O . 4.15 2.95 14.84
C1B BPH O . 4.40 1.18 12.99
NB BPH O . 4.77 1.08 11.65
CHB BPH O . 3.99 0.07 13.75
C4A BPH O . 4.01 -1.29 13.45
C3A BPH O . 3.50 -2.35 14.37
CMA BPH O . 1.98 -2.30 14.46
C2A BPH O . 3.98 -3.64 13.68
C1A BPH O . 4.22 -3.18 12.28
NA BPH O . 4.29 -1.80 12.20
CAA BPH O . 5.24 -4.22 14.36
CBA BPH O . 4.97 -4.70 15.79
CGA BPH O . 6.16 -5.12 16.59
O1A BPH O . 7.29 -4.90 16.32
O2A BPH O . 5.80 -5.79 17.67
C1 BPH O . 6.87 -6.26 18.54
C2 BPH O . 6.97 -5.24 19.66
C3 BPH O . 6.14 -5.19 20.69
C4 BPH O . 4.98 -6.15 20.92
C5 BPH O . 6.31 -4.12 21.77
C6 BPH O . 7.74 -3.77 22.15
C7 BPH O . 7.84 -2.65 23.20
C8 BPH O . 9.29 -2.25 23.48
C9 BPH O . 10.08 -3.42 24.12
C10 BPH O . 9.40 -1.01 24.40
C11 BPH O . 9.96 0.21 23.68
C12 BPH O . 8.88 1.22 23.27
C13 BPH O . 9.08 1.90 21.89
C14 BPH O . 10.12 1.20 21.03
C15 BPH O . 9.51 3.36 22.05
C16 BPH O . 8.52 4.39 22.58
C17 BPH O . 7.22 4.71 21.82
C18 BPH O . 7.03 6.23 21.78
C19 BPH O . 5.53 6.50 21.56
C20 BPH O . 7.88 6.91 20.70
MG BCL P . 2.95 21.03 -1.60
CHA BCL P . 5.85 19.14 -1.91
CHB BCL P . 2.32 20.42 -4.89
CHC BCL P . -0.25 22.04 -1.15
CHD BCL P . 3.29 20.84 1.88
NA BCL P . 3.97 19.91 -3.15
C1A BCL P . 5.18 19.24 -3.11
C2A BCL P . 5.52 18.61 -4.43
C3A BCL P . 4.60 19.39 -5.38
C4A BCL P . 3.53 19.88 -4.47
CMA BCL P . 5.32 20.55 -6.05
CAA BCL P . 5.29 17.09 -4.49
CBA BCL P . 3.87 16.61 -4.15
CGA BCL P . 3.53 15.24 -4.63
O1A BCL P . 4.23 14.30 -4.59
O2A BCL P . 2.30 15.20 -5.12
NB BCL P . 1.29 21.19 -2.80
C1B BCL P . 1.24 20.92 -4.17
C2B BCL P . -0.04 21.19 -4.67
C3B BCL P . -0.78 21.72 -3.63
C4B BCL P . 0.05 21.64 -2.46
CMB BCL P . -0.46 20.91 -6.10
CAB BCL P . -2.08 22.35 -3.67
OBB BCL P . -3.15 21.73 -3.49
CBB BCL P . -2.17 23.83 -3.96
NC BCL P . 1.71 21.41 0.12
C1C BCL P . 0.40 21.79 0.06
C2C BCL P . -0.12 22.27 1.37
C3C BCL P . 0.97 21.80 2.35
C4C BCL P . 2.04 21.23 1.44
CMC BCL P . -0.36 23.77 1.40
CAC BCL P . 0.44 20.80 3.41
CBC BCL P . -0.22 19.58 2.79
ND BCL P . 4.22 20.14 -0.26
C1D BCL P . 4.33 20.23 1.13
C2D BCL P . 5.54 19.67 1.58
C3D BCL P . 6.20 19.22 0.43
C4D BCL P . 5.37 19.52 -0.64
CMD BCL P . 6.00 19.59 3.00
CAD BCL P . 7.46 18.88 -0.12
OBD BCL P . 8.59 18.79 0.40
CBD BCL P . 7.25 18.57 -1.63
CGD BCL P . 8.35 19.11 -2.44
O1D BCL P . 9.30 18.47 -2.83
O2D BCL P . 8.22 20.40 -2.73
CED BCL P . 9.27 20.98 -3.54
C1 BCL P . 1.76 13.95 -5.66
C2 BCL P . 1.09 14.36 -6.96
C3 BCL P . 1.02 13.72 -8.10
C4 BCL P . 0.31 14.24 -9.35
C5 BCL P . 1.64 12.33 -8.28
#